data_7BRJ
#
_entry.id   7BRJ
#
_cell.length_a   99.793
_cell.length_b   99.793
_cell.length_c   260.397
_cell.angle_alpha   90.00
_cell.angle_beta   90.00
_cell.angle_gamma   120.00
#
_symmetry.space_group_name_H-M   'P 61'
#
loop_
_entity.id
_entity.type
_entity.pdbx_description
1 polymer 'Atrial natriuretic peptide receptor 1'
2 polymer Urodilatin
3 branched alpha-D-mannopyranose-(1-4)-2-acetamido-2-deoxy-beta-D-glucopyranose-(1-4)-2-acetamido-2-deoxy-beta-D-glucopyranose
4 branched alpha-D-mannopyranose-(1-3)-alpha-D-mannopyranose-(1-4)-2-acetamido-2-deoxy-beta-D-glucopyranose-(1-4)-2-acetamido-2-deoxy-beta-D-glucopyranose
5 non-polymer 'CHLORIDE ION'
6 water water
#
loop_
_entity_poly.entity_id
_entity_poly.type
_entity_poly.pdbx_seq_one_letter_code
_entity_poly.pdbx_strand_id
1 'polypeptide(L)'
;SDLTVAVVLPLTNTSYPWSWARVGPAVELALARVKARPDLLPGWTVRMVLGSSENAAGVCSDTAAPLAAVDLKWEHSPAV
FLGPGCVYSAAPVGRFTAHWRVPLLTAGAPALGIGVKDEYALTTRTGPSHVKLGDFVTALHRRLGWEHQALVLYADRLGD
DRPCFFIVEGLYMRVRERLNITVNHQEFVEGDPDHYPKLLRAVRRKGRVIYICSSPDAFRNLMLLALNAGLTGEDYVFFH
LDVFGQSLKSAQGLVPQKPWERGDGQDRSARQAFQAAKIITYKEPDNPEYLEFLKQLKLLADKKFNFTVEDGLKNIIPAS
FHDGLLLYVQAVTETLAQGGTVTDGENITQRMWNRSFQGVTGYLKIDRNGDRDTDFSLWDMDPETGAFRVVLNYNGTSQE
LMAVSEHKLYWPLGYPPPDVPKCGFDNEDPACNQD
;
A,B
2 'polypeptide(L)' CFGGRMDRIGAQSGLGCNSFRY L
#
# COMPACT_ATOMS: atom_id res chain seq x y z
N SER A 1 12.15 31.73 -22.67
CA SER A 1 12.21 31.64 -24.12
C SER A 1 12.00 30.20 -24.60
N ASP A 2 12.01 29.25 -23.65
CA ASP A 2 11.81 27.85 -24.00
C ASP A 2 11.29 27.10 -22.79
N LEU A 3 10.55 26.02 -23.05
CA LEU A 3 9.81 25.28 -22.04
C LEU A 3 10.40 23.88 -21.91
N THR A 4 10.72 23.50 -20.67
CA THR A 4 11.36 22.22 -20.39
C THR A 4 10.34 21.24 -19.82
N VAL A 5 10.10 20.17 -20.56
CA VAL A 5 9.10 19.16 -20.21
C VAL A 5 9.82 17.92 -19.75
N ALA A 6 9.64 17.56 -18.49
CA ALA A 6 10.25 16.35 -17.96
C ALA A 6 9.32 15.16 -18.17
N VAL A 7 9.90 14.04 -18.61
CA VAL A 7 9.16 12.83 -18.94
C VAL A 7 9.69 11.68 -18.09
N VAL A 8 8.79 10.96 -17.42
CA VAL A 8 9.13 9.76 -16.64
C VAL A 8 8.16 8.66 -17.06
N LEU A 9 8.59 7.82 -17.98
CA LEU A 9 7.78 6.76 -18.55
C LEU A 9 8.70 5.60 -18.87
N PRO A 10 8.14 4.43 -19.22
CA PRO A 10 9.02 3.32 -19.68
C PRO A 10 9.68 3.61 -21.01
N LEU A 11 10.96 4.01 -20.97
CA LEU A 11 11.64 4.38 -22.21
C LEU A 11 12.07 3.19 -23.04
N THR A 12 12.11 2.00 -22.46
CA THR A 12 12.65 0.83 -23.14
C THR A 12 11.65 -0.29 -23.27
N ASN A 13 10.83 -0.51 -22.25
CA ASN A 13 9.82 -1.54 -22.33
C ASN A 13 8.67 -1.01 -23.18
N THR A 14 8.30 -1.76 -24.23
CA THR A 14 7.24 -1.33 -25.14
C THR A 14 5.92 -2.07 -24.90
N SER A 15 5.71 -2.58 -23.68
CA SER A 15 4.53 -3.38 -23.36
C SER A 15 3.41 -2.56 -22.73
N TYR A 16 3.72 -1.37 -22.21
CA TYR A 16 2.71 -0.57 -21.54
C TYR A 16 1.96 0.32 -22.52
N PRO A 17 0.68 0.56 -22.26
CA PRO A 17 -0.05 1.56 -23.07
C PRO A 17 0.61 2.90 -23.03
N TRP A 18 1.34 3.21 -21.97
CA TRP A 18 2.06 4.48 -21.84
C TRP A 18 3.56 4.32 -22.04
N SER A 19 3.99 3.27 -22.72
CA SER A 19 5.41 3.12 -23.09
C SER A 19 5.83 4.25 -24.03
N TRP A 20 7.11 4.62 -23.94
CA TRP A 20 7.60 5.75 -24.73
C TRP A 20 7.52 5.45 -26.23
N ALA A 21 7.76 4.19 -26.63
CA ALA A 21 7.73 3.78 -28.04
C ALA A 21 6.40 4.11 -28.69
N ARG A 22 5.43 4.43 -27.86
CA ARG A 22 4.07 4.72 -28.25
C ARG A 22 3.61 6.10 -27.77
N VAL A 23 4.03 6.54 -26.59
CA VAL A 23 3.70 7.89 -26.12
C VAL A 23 4.65 8.93 -26.70
N GLY A 24 5.89 8.55 -26.99
CA GLY A 24 6.86 9.42 -27.61
C GLY A 24 6.40 10.07 -28.90
N PRO A 25 6.10 9.26 -29.92
CA PRO A 25 5.64 9.85 -31.19
C PRO A 25 4.32 10.58 -31.06
N ALA A 26 3.47 10.20 -30.10
CA ALA A 26 2.26 10.96 -29.87
C ALA A 26 2.58 12.34 -29.30
N VAL A 27 3.58 12.41 -28.42
CA VAL A 27 4.04 13.68 -27.88
C VAL A 27 4.70 14.51 -28.98
N GLU A 28 5.56 13.87 -29.77
CA GLU A 28 6.23 14.60 -30.84
C GLU A 28 5.22 15.19 -31.82
N LEU A 29 4.15 14.46 -32.11
CA LEU A 29 3.06 15.04 -32.90
C LEU A 29 2.50 16.28 -32.23
N ALA A 30 2.32 16.22 -30.91
CA ALA A 30 1.75 17.35 -30.19
C ALA A 30 2.68 18.55 -30.23
N LEU A 31 3.98 18.32 -30.02
CA LEU A 31 4.94 19.41 -30.10
C LEU A 31 4.94 20.02 -31.50
N ALA A 32 4.96 19.16 -32.52
CA ALA A 32 4.98 19.65 -33.90
C ALA A 32 3.78 20.54 -34.19
N ARG A 33 2.63 20.21 -33.59
CA ARG A 33 1.45 21.04 -33.79
C ARG A 33 1.53 22.35 -33.02
N VAL A 34 2.20 22.36 -31.87
CA VAL A 34 2.44 23.60 -31.15
C VAL A 34 3.27 24.55 -32.02
N LYS A 35 4.27 24.02 -32.72
CA LYS A 35 5.07 24.81 -33.65
C LYS A 35 4.20 25.42 -34.73
N ALA A 36 3.31 24.61 -35.32
CA ALA A 36 2.45 25.06 -36.39
C ALA A 36 1.32 25.98 -35.92
N ARG A 37 1.18 26.19 -34.61
CA ARG A 37 0.12 27.07 -34.10
C ARG A 37 0.71 28.37 -33.58
N PRO A 38 0.49 29.51 -34.26
CA PRO A 38 0.96 30.80 -33.74
C PRO A 38 0.20 31.29 -32.53
N ASP A 39 -0.87 30.60 -32.14
CA ASP A 39 -1.63 30.93 -30.94
C ASP A 39 -1.21 30.12 -29.72
N LEU A 40 -0.33 29.13 -29.89
CA LEU A 40 0.18 28.31 -28.79
C LEU A 40 1.65 28.63 -28.62
N LEU A 41 1.98 29.26 -27.48
CA LEU A 41 3.34 29.60 -27.07
C LEU A 41 4.20 30.08 -28.23
N PRO A 42 3.88 31.24 -28.81
CA PRO A 42 4.66 31.73 -29.97
C PRO A 42 6.06 32.13 -29.53
N GLY A 43 7.06 31.56 -30.22
CA GLY A 43 8.46 31.83 -29.93
C GLY A 43 9.12 30.81 -29.01
N TRP A 44 8.35 30.20 -28.10
CA TRP A 44 8.93 29.22 -27.19
C TRP A 44 9.36 27.97 -27.95
N THR A 45 10.49 27.41 -27.54
CA THR A 45 11.03 26.16 -28.11
C THR A 45 10.97 25.12 -27.00
N VAL A 46 9.88 24.35 -27.00
CA VAL A 46 9.63 23.38 -25.94
C VAL A 46 10.61 22.23 -26.06
N ARG A 47 11.45 22.06 -25.06
CA ARG A 47 12.39 20.96 -25.02
C ARG A 47 11.90 19.89 -24.05
N MET A 48 12.36 18.67 -24.30
CA MET A 48 11.97 17.53 -23.49
C MET A 48 13.20 16.82 -22.97
N VAL A 49 13.14 16.43 -21.70
CA VAL A 49 14.19 15.66 -21.04
C VAL A 49 13.56 14.39 -20.48
N LEU A 50 14.13 13.24 -20.83
CA LEU A 50 13.50 11.96 -20.58
C LEU A 50 14.11 11.26 -19.37
N GLY A 51 13.29 10.42 -18.75
CA GLY A 51 13.68 9.60 -17.61
C GLY A 51 12.90 8.31 -17.61
N SER A 52 13.56 7.19 -17.41
CA SER A 52 12.88 5.90 -17.49
C SER A 52 12.34 5.52 -16.12
N SER A 53 11.05 5.19 -16.08
CA SER A 53 10.39 4.73 -14.87
C SER A 53 10.68 3.27 -14.57
N GLU A 54 11.38 2.57 -15.47
CA GLU A 54 11.55 1.14 -15.31
C GLU A 54 12.89 0.87 -14.62
N ASN A 55 12.91 -0.22 -13.88
CA ASN A 55 14.09 -0.65 -13.13
C ASN A 55 14.96 -1.53 -14.02
N ALA A 56 15.92 -2.23 -13.41
CA ALA A 56 16.87 -3.03 -14.17
C ALA A 56 16.19 -4.20 -14.86
N ALA A 57 15.09 -4.70 -14.31
CA ALA A 57 14.37 -5.79 -14.94
C ALA A 57 13.44 -5.32 -16.06
N GLY A 58 13.34 -4.02 -16.29
CA GLY A 58 12.54 -3.49 -17.37
C GLY A 58 11.08 -3.27 -17.10
N VAL A 59 10.61 -3.45 -15.87
CA VAL A 59 9.23 -3.15 -15.52
C VAL A 59 9.19 -1.84 -14.75
N CYS A 60 8.05 -1.15 -14.83
CA CYS A 60 7.92 0.13 -14.15
C CYS A 60 8.07 -0.07 -12.65
N SER A 61 8.80 0.85 -12.02
CA SER A 61 9.36 0.66 -10.69
C SER A 61 8.85 1.73 -9.74
N ASP A 62 8.60 1.33 -8.49
CA ASP A 62 8.35 2.32 -7.46
C ASP A 62 9.62 3.01 -6.99
N THR A 63 10.77 2.65 -7.55
CA THR A 63 12.04 3.24 -7.17
C THR A 63 12.71 3.95 -8.34
N ALA A 64 12.81 3.28 -9.49
CA ALA A 64 13.45 3.91 -10.64
C ALA A 64 12.75 5.21 -10.99
N ALA A 65 11.40 5.20 -10.99
CA ALA A 65 10.64 6.38 -11.38
C ALA A 65 10.91 7.57 -10.46
N PRO A 66 10.67 7.49 -9.15
CA PRO A 66 10.94 8.66 -8.31
C PRO A 66 12.39 9.11 -8.39
N LEU A 67 13.33 8.17 -8.48
CA LEU A 67 14.73 8.54 -8.69
C LEU A 67 14.89 9.35 -9.96
N ALA A 68 14.31 8.87 -11.07
CA ALA A 68 14.35 9.60 -12.32
C ALA A 68 13.76 11.00 -12.18
N ALA A 69 12.68 11.14 -11.41
CA ALA A 69 12.06 12.44 -11.25
C ALA A 69 12.99 13.43 -10.57
N VAL A 70 13.68 13.00 -9.50
CA VAL A 70 14.58 13.91 -8.80
C VAL A 70 15.73 14.29 -9.72
N ASP A 71 16.20 13.33 -10.50
CA ASP A 71 17.32 13.60 -11.40
C ASP A 71 16.97 14.66 -12.43
N LEU A 72 15.79 14.54 -13.06
CA LEU A 72 15.39 15.56 -14.02
C LEU A 72 15.11 16.88 -13.34
N LYS A 73 14.69 16.86 -12.07
CA LYS A 73 14.30 18.10 -11.42
C LYS A 73 15.51 18.95 -11.11
N TRP A 74 16.59 18.34 -10.64
N TRP A 74 16.59 18.33 -10.64
CA TRP A 74 17.79 19.09 -10.29
CA TRP A 74 17.80 19.08 -10.29
C TRP A 74 18.68 19.35 -11.50
C TRP A 74 18.64 19.39 -11.51
N GLU A 75 18.56 18.56 -12.56
CA GLU A 75 19.40 18.75 -13.73
C GLU A 75 18.80 19.71 -14.75
N HIS A 76 17.47 19.81 -14.84
CA HIS A 76 16.84 20.61 -15.89
C HIS A 76 15.78 21.57 -15.39
N SER A 77 15.41 21.51 -14.11
CA SER A 77 14.39 22.36 -13.51
C SER A 77 13.18 22.53 -14.43
N PRO A 78 12.50 21.44 -14.77
CA PRO A 78 11.44 21.52 -15.78
C PRO A 78 10.21 22.22 -15.24
N ALA A 79 9.30 22.52 -16.15
CA ALA A 79 8.07 23.23 -15.82
C ALA A 79 6.90 22.30 -15.63
N VAL A 80 7.00 21.06 -16.10
CA VAL A 80 5.87 20.15 -16.09
C VAL A 80 6.43 18.74 -16.22
N PHE A 81 5.76 17.79 -15.59
CA PHE A 81 6.13 16.40 -15.70
C PHE A 81 5.09 15.65 -16.52
N LEU A 82 5.57 14.71 -17.31
CA LEU A 82 4.76 13.88 -18.19
C LEU A 82 4.96 12.43 -17.78
N GLY A 83 3.89 11.77 -17.33
CA GLY A 83 3.98 10.42 -16.79
C GLY A 83 4.30 10.50 -15.31
N PRO A 84 4.44 9.36 -14.62
CA PRO A 84 4.36 7.99 -15.13
C PRO A 84 2.93 7.52 -15.32
N GLY A 85 2.81 6.29 -15.80
CA GLY A 85 1.53 5.70 -16.09
C GLY A 85 1.20 4.63 -15.08
N CYS A 86 2.21 3.90 -14.60
CA CYS A 86 1.97 2.90 -13.56
C CYS A 86 1.62 3.57 -12.24
N VAL A 87 0.76 2.90 -11.46
CA VAL A 87 0.27 3.47 -10.21
C VAL A 87 1.40 3.59 -9.18
N TYR A 88 2.19 2.52 -9.01
CA TYR A 88 3.24 2.54 -8.01
C TYR A 88 4.45 3.36 -8.45
N SER A 89 4.54 3.69 -9.73
CA SER A 89 5.51 4.69 -10.19
C SER A 89 4.97 6.09 -9.98
N ALA A 90 3.68 6.27 -10.27
CA ALA A 90 3.10 7.60 -10.29
C ALA A 90 2.90 8.14 -8.88
N ALA A 91 2.58 7.28 -7.92
CA ALA A 91 2.30 7.78 -6.57
C ALA A 91 3.50 8.46 -5.93
N PRO A 92 4.70 7.85 -5.88
CA PRO A 92 5.85 8.61 -5.38
C PRO A 92 6.19 9.83 -6.20
N VAL A 93 6.18 9.71 -7.54
CA VAL A 93 6.57 10.87 -8.34
C VAL A 93 5.55 11.99 -8.16
N GLY A 94 4.26 11.65 -8.18
CA GLY A 94 3.24 12.67 -7.97
C GLY A 94 3.41 13.40 -6.65
N ARG A 95 3.75 12.67 -5.59
N ARG A 95 3.74 12.67 -5.58
CA ARG A 95 3.99 13.32 -4.30
CA ARG A 95 4.00 13.31 -4.31
C ARG A 95 5.22 14.22 -4.36
C ARG A 95 5.20 14.24 -4.39
N PHE A 96 6.23 13.84 -5.15
CA PHE A 96 7.40 14.72 -5.29
C PHE A 96 7.01 15.99 -6.03
N THR A 97 6.44 15.86 -7.22
CA THR A 97 6.04 17.04 -8.00
C THR A 97 5.10 17.93 -7.21
N ALA A 98 4.16 17.33 -6.47
CA ALA A 98 3.28 18.11 -5.63
C ALA A 98 4.06 18.94 -4.64
N HIS A 99 5.08 18.34 -4.01
CA HIS A 99 5.92 19.08 -3.08
C HIS A 99 6.74 20.15 -3.79
N TRP A 100 7.12 19.89 -5.04
CA TRP A 100 7.91 20.80 -5.85
C TRP A 100 7.10 21.94 -6.44
N ARG A 101 5.77 21.90 -6.33
CA ARG A 101 4.88 22.89 -6.94
C ARG A 101 4.91 22.82 -8.47
N VAL A 102 5.26 21.67 -9.03
CA VAL A 102 5.39 21.49 -10.47
C VAL A 102 4.19 20.71 -10.97
N PRO A 103 3.56 21.13 -12.05
CA PRO A 103 2.41 20.39 -12.57
C PRO A 103 2.83 19.03 -13.12
N LEU A 104 1.91 18.09 -13.04
CA LEU A 104 2.09 16.73 -13.49
C LEU A 104 0.92 16.35 -14.38
N LEU A 105 1.23 15.84 -15.57
CA LEU A 105 0.22 15.40 -16.54
C LEU A 105 0.44 13.93 -16.86
N THR A 106 -0.62 13.16 -16.84
CA THR A 106 -0.48 11.76 -17.19
C THR A 106 -1.83 11.21 -17.62
N ALA A 107 -1.78 10.35 -18.63
CA ALA A 107 -2.94 9.59 -19.06
C ALA A 107 -2.99 8.24 -18.40
N GLY A 108 -2.12 7.99 -17.44
CA GLY A 108 -2.15 6.79 -16.63
C GLY A 108 -2.53 7.10 -15.19
N ALA A 109 -1.96 6.37 -14.26
CA ALA A 109 -2.24 6.53 -12.83
C ALA A 109 -3.74 6.58 -12.52
N PRO A 110 -4.52 5.60 -12.98
CA PRO A 110 -5.96 5.69 -12.77
C PRO A 110 -6.41 5.33 -11.36
N ALA A 111 -5.50 5.14 -10.43
CA ALA A 111 -5.89 4.63 -9.13
C ALA A 111 -6.68 5.67 -8.33
N LEU A 112 -7.55 5.15 -7.47
CA LEU A 112 -8.36 5.97 -6.57
C LEU A 112 -7.53 7.04 -5.87
N GLY A 113 -6.40 6.65 -5.26
CA GLY A 113 -5.70 7.56 -4.37
C GLY A 113 -5.12 8.77 -5.07
N ILE A 114 -4.74 8.61 -6.34
CA ILE A 114 -4.31 9.74 -7.14
C ILE A 114 -5.40 10.78 -7.21
N GLY A 115 -6.66 10.35 -7.09
CA GLY A 115 -7.77 11.28 -7.09
C GLY A 115 -7.76 12.23 -5.92
N VAL A 116 -7.03 11.90 -4.85
CA VAL A 116 -6.98 12.80 -3.72
C VAL A 116 -6.05 13.96 -4.06
N LYS A 117 -6.59 14.96 -4.74
CA LYS A 117 -5.76 16.07 -5.21
C LYS A 117 -5.30 16.95 -4.08
N ASP A 118 -5.90 16.82 -2.90
CA ASP A 118 -5.33 17.46 -1.72
C ASP A 118 -3.91 16.98 -1.48
N GLU A 119 -3.60 15.73 -1.84
N GLU A 119 -3.59 15.74 -1.87
CA GLU A 119 -2.24 15.19 -1.75
CA GLU A 119 -2.23 15.21 -1.75
C GLU A 119 -1.49 15.29 -3.07
C GLU A 119 -1.48 15.25 -3.07
N TYR A 120 -2.10 14.84 -4.16
CA TYR A 120 -1.49 14.87 -5.49
C TYR A 120 -1.86 16.18 -6.18
N ALA A 121 -1.48 17.26 -5.50
CA ALA A 121 -1.72 18.60 -6.02
C ALA A 121 -1.07 18.77 -7.38
N LEU A 122 -1.66 19.63 -8.21
CA LEU A 122 -1.17 19.93 -9.56
C LEU A 122 -0.98 18.67 -10.42
N THR A 123 -1.63 17.56 -10.07
CA THR A 123 -1.65 16.36 -10.91
C THR A 123 -2.93 16.37 -11.73
N THR A 124 -2.80 16.47 -13.04
CA THR A 124 -3.94 16.44 -13.94
C THR A 124 -3.92 15.14 -14.71
N ARG A 125 -5.03 14.41 -14.68
CA ARG A 125 -5.17 13.14 -15.38
C ARG A 125 -6.04 13.37 -16.61
N THR A 126 -5.46 13.12 -17.78
CA THR A 126 -6.15 13.29 -19.04
C THR A 126 -6.51 11.98 -19.72
N GLY A 127 -6.24 10.84 -19.09
CA GLY A 127 -6.75 9.56 -19.52
C GLY A 127 -7.77 9.01 -18.53
N PRO A 128 -8.03 7.70 -18.59
CA PRO A 128 -9.05 7.09 -17.72
C PRO A 128 -8.73 7.12 -16.23
N SER A 129 -9.79 7.11 -15.42
CA SER A 129 -9.74 6.92 -13.98
C SER A 129 -10.63 5.76 -13.59
N HIS A 130 -10.26 5.05 -12.54
CA HIS A 130 -11.11 3.93 -12.13
C HIS A 130 -12.36 4.36 -11.36
N VAL A 131 -12.38 5.54 -10.73
CA VAL A 131 -13.65 6.01 -10.19
C VAL A 131 -14.65 6.22 -11.32
N LYS A 132 -14.18 6.69 -12.47
CA LYS A 132 -15.08 6.89 -13.60
C LYS A 132 -15.74 5.57 -13.99
N LEU A 133 -15.04 4.45 -13.78
CA LEU A 133 -15.67 3.16 -13.99
C LEU A 133 -16.84 2.96 -13.02
N GLY A 134 -16.66 3.35 -11.76
CA GLY A 134 -17.77 3.30 -10.82
C GLY A 134 -18.94 4.14 -11.27
N ASP A 135 -18.67 5.30 -11.90
CA ASP A 135 -19.73 6.13 -12.45
C ASP A 135 -20.54 5.36 -13.48
N PHE A 136 -19.87 4.67 -14.40
CA PHE A 136 -20.55 3.89 -15.42
C PHE A 136 -21.39 2.78 -14.77
N VAL A 137 -20.76 2.01 -13.88
CA VAL A 137 -21.46 0.92 -13.19
C VAL A 137 -22.67 1.44 -12.43
N THR A 138 -22.51 2.59 -11.77
CA THR A 138 -23.65 3.22 -11.11
C THR A 138 -24.78 3.45 -12.10
N ALA A 139 -24.48 4.12 -13.21
CA ALA A 139 -25.52 4.41 -14.19
C ALA A 139 -26.11 3.13 -14.74
N LEU A 140 -25.30 2.09 -14.89
CA LEU A 140 -25.79 0.83 -15.40
C LEU A 140 -26.77 0.18 -14.43
N HIS A 141 -26.43 0.17 -13.14
CA HIS A 141 -27.35 -0.37 -12.14
C HIS A 141 -28.63 0.44 -12.09
N ARG A 142 -28.50 1.77 -12.08
CA ARG A 142 -29.69 2.62 -12.02
C ARG A 142 -30.61 2.37 -13.21
N ARG A 143 -30.04 2.09 -14.37
CA ARG A 143 -30.86 1.88 -15.57
C ARG A 143 -31.34 0.44 -15.71
N LEU A 144 -30.97 -0.46 -14.80
CA LEU A 144 -31.37 -1.85 -14.94
C LEU A 144 -32.00 -2.41 -13.66
N GLY A 145 -32.22 -1.59 -12.64
CA GLY A 145 -32.91 -2.02 -11.45
C GLY A 145 -32.09 -2.75 -10.43
N TRP A 146 -30.81 -3.01 -10.69
CA TRP A 146 -29.95 -3.66 -9.72
C TRP A 146 -29.61 -2.65 -8.64
N GLU A 147 -30.32 -2.71 -7.52
CA GLU A 147 -30.09 -1.75 -6.45
C GLU A 147 -29.86 -2.46 -5.12
N HIS A 148 -29.31 -3.66 -5.16
CA HIS A 148 -29.10 -4.38 -3.91
C HIS A 148 -27.68 -4.90 -3.78
N GLN A 149 -27.27 -5.77 -4.69
CA GLN A 149 -26.06 -6.53 -4.43
C GLN A 149 -25.34 -6.85 -5.72
N ALA A 150 -24.01 -6.73 -5.67
CA ALA A 150 -23.16 -7.19 -6.75
C ALA A 150 -21.97 -7.91 -6.15
N LEU A 151 -21.36 -8.76 -6.97
CA LEU A 151 -20.17 -9.51 -6.58
C LEU A 151 -19.06 -9.20 -7.59
N VAL A 152 -17.86 -8.99 -7.08
CA VAL A 152 -16.71 -8.60 -7.90
C VAL A 152 -15.57 -9.58 -7.67
N LEU A 153 -15.14 -10.25 -8.73
CA LEU A 153 -14.00 -11.16 -8.71
C LEU A 153 -12.86 -10.52 -9.47
N TYR A 154 -11.69 -10.43 -8.84
CA TYR A 154 -10.53 -9.84 -9.50
C TYR A 154 -9.29 -10.65 -9.20
N ALA A 155 -8.31 -10.57 -10.11
CA ALA A 155 -7.04 -11.26 -9.95
C ALA A 155 -5.93 -10.45 -10.60
N ASP A 156 -4.74 -10.50 -10.01
CA ASP A 156 -3.55 -9.89 -10.59
C ASP A 156 -2.39 -10.88 -10.57
N ARG A 157 -1.44 -10.66 -11.47
CA ARG A 157 -0.19 -11.41 -11.48
C ARG A 157 0.73 -10.82 -10.42
N LEU A 158 1.37 -11.68 -9.63
CA LEU A 158 2.20 -11.19 -8.55
C LEU A 158 3.32 -10.32 -9.08
N GLY A 159 3.50 -9.14 -8.47
CA GLY A 159 4.61 -8.26 -8.79
C GLY A 159 4.33 -7.27 -9.89
N ASP A 160 3.14 -7.31 -10.47
CA ASP A 160 2.78 -6.36 -11.50
C ASP A 160 2.31 -5.08 -10.84
N ASP A 161 1.65 -4.21 -11.60
CA ASP A 161 1.13 -2.99 -11.03
C ASP A 161 -0.27 -3.16 -10.47
N ARG A 162 -0.71 -4.40 -10.23
CA ARG A 162 -2.02 -4.69 -9.68
C ARG A 162 -3.15 -3.96 -10.40
N PRO A 163 -3.24 -4.06 -11.72
CA PRO A 163 -4.25 -3.27 -12.44
C PRO A 163 -5.68 -3.62 -12.04
N CYS A 164 -5.99 -4.91 -11.90
CA CYS A 164 -7.34 -5.29 -11.52
C CYS A 164 -7.69 -4.83 -10.11
N PHE A 165 -6.74 -4.90 -9.19
CA PHE A 165 -7.01 -4.41 -7.84
C PHE A 165 -7.44 -2.95 -7.88
N PHE A 166 -6.69 -2.12 -8.59
CA PHE A 166 -7.02 -0.71 -8.61
C PHE A 166 -8.31 -0.44 -9.38
N ILE A 167 -8.52 -1.19 -10.48
CA ILE A 167 -9.81 -1.14 -11.17
C ILE A 167 -10.94 -1.42 -10.21
N VAL A 168 -10.82 -2.52 -9.46
CA VAL A 168 -11.89 -2.90 -8.54
C VAL A 168 -12.00 -1.93 -7.37
N GLU A 169 -10.86 -1.43 -6.87
CA GLU A 169 -10.91 -0.39 -5.83
C GLU A 169 -11.75 0.79 -6.27
N GLY A 170 -11.48 1.32 -7.47
CA GLY A 170 -12.23 2.47 -7.94
C GLY A 170 -13.68 2.16 -8.13
N LEU A 171 -14.00 1.05 -8.79
CA LEU A 171 -15.40 0.66 -8.94
C LEU A 171 -16.06 0.52 -7.58
N TYR A 172 -15.42 -0.23 -6.67
CA TYR A 172 -16.01 -0.53 -5.39
C TYR A 172 -16.35 0.75 -4.64
N MET A 173 -15.35 1.63 -4.45
CA MET A 173 -15.55 2.82 -3.64
C MET A 173 -16.57 3.76 -4.26
N ARG A 174 -16.42 4.04 -5.57
CA ARG A 174 -17.35 4.97 -6.20
C ARG A 174 -18.77 4.42 -6.22
N VAL A 175 -18.93 3.12 -6.44
CA VAL A 175 -20.28 2.57 -6.53
C VAL A 175 -20.95 2.60 -5.17
N ARG A 176 -20.22 2.26 -4.12
CA ARG A 176 -20.82 2.32 -2.79
C ARG A 176 -21.00 3.76 -2.34
N GLU A 177 -20.20 4.68 -2.88
CA GLU A 177 -20.36 6.10 -2.57
C GLU A 177 -21.69 6.63 -3.09
N ARG A 178 -22.13 6.13 -4.24
CA ARG A 178 -23.31 6.66 -4.90
C ARG A 178 -24.55 5.80 -4.70
N LEU A 179 -24.43 4.47 -4.65
CA LEU A 179 -25.60 3.62 -4.54
C LEU A 179 -25.79 3.00 -3.16
N ASN A 180 -24.71 2.75 -2.43
CA ASN A 180 -24.77 2.16 -1.10
C ASN A 180 -25.43 0.78 -1.13
N ILE A 181 -25.22 0.03 -2.21
CA ILE A 181 -25.67 -1.34 -2.29
C ILE A 181 -24.49 -2.22 -1.89
N THR A 182 -24.80 -3.48 -1.57
CA THR A 182 -23.78 -4.38 -1.06
C THR A 182 -22.90 -4.87 -2.21
N VAL A 183 -21.62 -4.55 -2.12
CA VAL A 183 -20.67 -4.93 -3.15
C VAL A 183 -19.71 -5.93 -2.54
N ASN A 184 -19.94 -7.21 -2.79
CA ASN A 184 -19.02 -8.21 -2.32
C ASN A 184 -17.85 -8.31 -3.28
N HIS A 185 -16.70 -8.72 -2.74
CA HIS A 185 -15.48 -8.75 -3.52
C HIS A 185 -14.62 -9.93 -3.11
N GLN A 186 -13.94 -10.55 -4.08
CA GLN A 186 -13.06 -11.68 -3.83
C GLN A 186 -11.85 -11.63 -4.77
N GLU A 187 -10.65 -11.77 -4.23
CA GLU A 187 -9.45 -11.82 -5.04
C GLU A 187 -9.04 -13.27 -5.27
N PHE A 188 -8.57 -13.57 -6.48
CA PHE A 188 -8.04 -14.90 -6.73
C PHE A 188 -6.72 -14.79 -7.49
N VAL A 189 -6.07 -15.93 -7.67
CA VAL A 189 -4.85 -16.04 -8.45
C VAL A 189 -5.18 -16.89 -9.68
N GLU A 190 -4.95 -16.33 -10.86
CA GLU A 190 -5.43 -17.02 -12.06
C GLU A 190 -4.79 -18.39 -12.20
N GLY A 191 -3.49 -18.51 -11.92
CA GLY A 191 -2.81 -19.76 -12.17
C GLY A 191 -3.06 -20.86 -11.15
N ASP A 192 -3.81 -20.55 -10.09
CA ASP A 192 -4.01 -21.47 -8.98
C ASP A 192 -5.35 -22.15 -9.12
N PRO A 193 -5.39 -23.46 -9.39
CA PRO A 193 -6.67 -24.13 -9.63
C PRO A 193 -7.51 -24.25 -8.38
N ASP A 194 -6.90 -24.21 -7.19
CA ASP A 194 -7.65 -24.27 -5.95
C ASP A 194 -8.74 -23.21 -5.89
N HIS A 195 -8.50 -22.07 -6.53
CA HIS A 195 -9.44 -20.96 -6.41
C HIS A 195 -10.70 -21.16 -7.24
N TYR A 196 -10.68 -22.03 -8.21
CA TYR A 196 -11.81 -22.07 -9.12
C TYR A 196 -13.03 -22.70 -8.46
N PRO A 197 -12.88 -23.79 -7.68
CA PRO A 197 -14.02 -24.22 -6.85
C PRO A 197 -14.53 -23.10 -5.97
N LYS A 198 -13.62 -22.41 -5.29
CA LYS A 198 -14.01 -21.32 -4.41
C LYS A 198 -14.79 -20.25 -5.17
N LEU A 199 -14.24 -19.79 -6.30
CA LEU A 199 -14.90 -18.74 -7.06
C LEU A 199 -16.29 -19.19 -7.49
N LEU A 200 -16.39 -20.35 -8.13
CA LEU A 200 -17.69 -20.84 -8.58
C LEU A 200 -18.67 -20.89 -7.41
N ARG A 201 -18.20 -21.38 -6.27
CA ARG A 201 -19.02 -21.38 -5.06
C ARG A 201 -19.46 -19.97 -4.69
N ALA A 202 -18.52 -19.02 -4.69
CA ALA A 202 -18.87 -17.65 -4.35
C ALA A 202 -19.80 -17.04 -5.38
N VAL A 203 -19.61 -17.37 -6.65
CA VAL A 203 -20.48 -16.85 -7.68
C VAL A 203 -21.92 -17.18 -7.36
N ARG A 204 -22.20 -18.44 -7.04
CA ARG A 204 -23.56 -18.87 -6.76
C ARG A 204 -23.91 -18.75 -5.29
N ARG A 205 -23.32 -17.80 -4.59
CA ARG A 205 -23.56 -17.67 -3.16
C ARG A 205 -23.50 -16.20 -2.75
N LYS A 206 -22.84 -15.38 -3.57
CA LYS A 206 -22.57 -14.00 -3.19
C LYS A 206 -23.12 -12.97 -4.16
N GLY A 207 -23.59 -13.38 -5.33
CA GLY A 207 -24.15 -12.39 -6.23
C GLY A 207 -24.77 -13.04 -7.44
N ARG A 208 -25.58 -12.25 -8.14
CA ARG A 208 -26.06 -12.61 -9.47
C ARG A 208 -25.67 -11.59 -10.53
N VAL A 209 -25.41 -10.35 -10.14
CA VAL A 209 -24.73 -9.39 -11.00
C VAL A 209 -23.25 -9.48 -10.67
N ILE A 210 -22.46 -9.99 -11.60
CA ILE A 210 -21.09 -10.40 -11.31
C ILE A 210 -20.12 -9.69 -12.25
N TYR A 211 -19.14 -9.00 -11.67
CA TYR A 211 -18.07 -8.35 -12.40
C TYR A 211 -16.77 -9.12 -12.16
N ILE A 212 -16.07 -9.46 -13.24
CA ILE A 212 -14.81 -10.18 -13.16
C ILE A 212 -13.73 -9.34 -13.84
N CYS A 213 -12.66 -9.05 -13.09
CA CYS A 213 -11.48 -8.37 -13.64
C CYS A 213 -10.37 -9.41 -13.70
N SER A 214 -10.07 -9.87 -14.90
CA SER A 214 -9.09 -10.93 -15.09
C SER A 214 -8.63 -10.90 -16.54
N SER A 215 -7.75 -11.82 -16.86
CA SER A 215 -7.32 -12.02 -18.22
C SER A 215 -8.50 -12.52 -19.06
N PRO A 216 -8.38 -12.45 -20.40
CA PRO A 216 -9.43 -13.05 -21.22
C PRO A 216 -9.58 -14.54 -20.99
N ASP A 217 -8.47 -15.28 -20.96
CA ASP A 217 -8.55 -16.72 -20.77
C ASP A 217 -9.18 -17.07 -19.41
N ALA A 218 -8.80 -16.34 -18.35
CA ALA A 218 -9.41 -16.60 -17.06
C ALA A 218 -10.91 -16.42 -17.13
N PHE A 219 -11.35 -15.33 -17.77
CA PHE A 219 -12.77 -15.07 -17.86
C PHE A 219 -13.48 -16.12 -18.72
N ARG A 220 -12.82 -16.59 -19.78
CA ARG A 220 -13.40 -17.65 -20.59
C ARG A 220 -13.56 -18.92 -19.78
N ASN A 221 -12.51 -19.30 -19.05
CA ASN A 221 -12.55 -20.51 -18.24
C ASN A 221 -13.66 -20.44 -17.20
N LEU A 222 -13.72 -19.33 -16.47
CA LEU A 222 -14.81 -19.13 -15.53
C LEU A 222 -16.18 -19.25 -16.21
N MET A 223 -16.31 -18.74 -17.44
CA MET A 223 -17.60 -18.89 -18.12
C MET A 223 -17.89 -20.35 -18.42
N LEU A 224 -16.88 -21.08 -18.92
CA LEU A 224 -17.07 -22.49 -19.22
C LEU A 224 -17.48 -23.26 -17.97
N LEU A 225 -16.89 -22.93 -16.83
CA LEU A 225 -17.27 -23.61 -15.61
C LEU A 225 -18.67 -23.23 -15.17
N ALA A 226 -19.07 -21.97 -15.39
CA ALA A 226 -20.40 -21.55 -14.97
C ALA A 226 -21.48 -22.22 -15.83
N LEU A 227 -21.21 -22.39 -17.12
CA LEU A 227 -22.13 -23.16 -17.94
C LEU A 227 -22.15 -24.61 -17.50
N ASN A 228 -20.97 -25.22 -17.35
CA ASN A 228 -20.87 -26.58 -16.84
C ASN A 228 -21.62 -26.76 -15.52
N ALA A 229 -21.66 -25.71 -14.70
CA ALA A 229 -22.36 -25.75 -13.42
C ALA A 229 -23.78 -25.23 -13.51
N GLY A 230 -24.29 -24.97 -14.71
CA GLY A 230 -25.67 -24.55 -14.88
C GLY A 230 -25.98 -23.12 -14.45
N LEU A 231 -25.14 -22.16 -14.85
CA LEU A 231 -25.32 -20.75 -14.53
C LEU A 231 -25.53 -19.99 -15.84
N THR A 232 -26.78 -19.69 -16.15
CA THR A 232 -27.15 -19.10 -17.42
C THR A 232 -27.66 -17.67 -17.25
N GLY A 233 -27.84 -17.01 -18.39
CA GLY A 233 -28.25 -15.61 -18.42
C GLY A 233 -29.61 -15.34 -17.81
N GLU A 234 -30.43 -16.37 -17.61
CA GLU A 234 -31.72 -16.22 -16.97
C GLU A 234 -31.61 -15.86 -15.50
N ASP A 235 -30.41 -16.04 -14.90
CA ASP A 235 -30.19 -15.77 -13.49
C ASP A 235 -28.92 -14.99 -13.22
N TYR A 236 -27.89 -15.21 -14.01
CA TYR A 236 -26.60 -14.58 -13.80
C TYR A 236 -26.23 -13.72 -15.00
N VAL A 237 -25.56 -12.61 -14.73
CA VAL A 237 -24.94 -11.81 -15.77
C VAL A 237 -23.50 -11.55 -15.36
N PHE A 238 -22.56 -11.86 -16.26
CA PHE A 238 -21.13 -11.77 -15.99
C PHE A 238 -20.55 -10.64 -16.82
N PHE A 239 -20.08 -9.61 -16.13
CA PHE A 239 -19.43 -8.47 -16.78
C PHE A 239 -17.93 -8.67 -16.68
N HIS A 240 -17.28 -8.83 -17.83
CA HIS A 240 -15.82 -8.81 -17.86
C HIS A 240 -15.37 -7.36 -17.86
N LEU A 241 -14.55 -6.98 -16.87
CA LEU A 241 -13.99 -5.64 -16.79
C LEU A 241 -12.70 -5.62 -17.60
N ASP A 242 -12.86 -5.54 -18.90
CA ASP A 242 -11.74 -5.57 -19.83
C ASP A 242 -11.61 -4.19 -20.48
N VAL A 243 -11.13 -3.22 -19.70
CA VAL A 243 -11.21 -1.82 -20.12
C VAL A 243 -10.39 -1.57 -21.37
N PHE A 244 -9.33 -2.33 -21.59
CA PHE A 244 -8.52 -2.17 -22.79
C PHE A 244 -8.89 -3.14 -23.88
N GLY A 245 -9.99 -3.88 -23.70
CA GLY A 245 -10.45 -4.80 -24.69
C GLY A 245 -9.41 -5.84 -25.08
N GLN A 246 -8.69 -6.38 -24.10
CA GLN A 246 -7.72 -7.42 -24.42
C GLN A 246 -8.41 -8.65 -25.00
N SER A 247 -9.68 -8.87 -24.66
CA SER A 247 -10.41 -10.02 -25.14
C SER A 247 -11.05 -9.80 -26.49
N LEU A 248 -10.74 -8.70 -27.17
CA LEU A 248 -11.32 -8.36 -28.46
C LEU A 248 -10.22 -7.88 -29.41
N LYS A 249 -10.50 -7.95 -30.69
CA LYS A 249 -9.63 -7.38 -31.71
C LYS A 249 -9.87 -5.88 -31.81
N SER A 250 -9.18 -5.22 -32.74
CA SER A 250 -9.31 -3.78 -32.89
C SER A 250 -10.60 -3.41 -33.61
N ALA A 251 -11.05 -2.18 -33.39
CA ALA A 251 -12.25 -1.67 -34.02
C ALA A 251 -12.05 -1.30 -35.49
N GLN A 252 -10.85 -1.51 -36.05
CA GLN A 252 -10.56 -1.06 -37.40
C GLN A 252 -10.87 -2.13 -38.45
N GLY A 253 -10.42 -3.34 -38.24
CA GLY A 253 -10.75 -4.47 -39.09
C GLY A 253 -11.17 -5.65 -38.26
N LEU A 254 -10.78 -6.85 -38.72
CA LEU A 254 -11.00 -8.09 -37.96
C LEU A 254 -12.48 -8.30 -37.64
N VAL A 255 -13.32 -8.19 -38.67
CA VAL A 255 -14.76 -8.41 -38.54
C VAL A 255 -15.07 -9.90 -38.69
N PRO A 256 -15.82 -10.52 -37.75
CA PRO A 256 -16.44 -9.92 -36.57
C PRO A 256 -15.63 -10.10 -35.28
N GLN A 257 -16.27 -9.89 -34.12
CA GLN A 257 -15.58 -9.86 -32.84
C GLN A 257 -16.00 -11.07 -32.00
N LYS A 258 -15.08 -12.01 -31.79
CA LYS A 258 -15.38 -13.26 -31.10
C LYS A 258 -14.37 -13.54 -29.99
N PRO A 259 -14.68 -13.19 -28.75
CA PRO A 259 -13.76 -13.48 -27.65
C PRO A 259 -13.80 -14.93 -27.19
N TRP A 260 -14.96 -15.60 -27.29
CA TRP A 260 -15.06 -17.00 -26.89
C TRP A 260 -14.37 -17.94 -27.88
N GLU A 261 -14.00 -17.46 -29.06
CA GLU A 261 -13.30 -18.30 -30.02
C GLU A 261 -11.86 -18.50 -29.57
N ARG A 262 -11.42 -19.75 -29.56
CA ARG A 262 -10.05 -20.06 -29.13
C ARG A 262 -9.39 -21.17 -29.90
N GLY A 263 -10.12 -22.02 -30.62
CA GLY A 263 -9.48 -23.03 -31.43
C GLY A 263 -9.11 -24.31 -30.72
N ASP A 264 -9.65 -24.55 -29.52
CA ASP A 264 -9.35 -25.72 -28.71
C ASP A 264 -10.53 -26.69 -28.66
N GLY A 265 -11.40 -26.70 -29.67
CA GLY A 265 -12.60 -27.51 -29.66
C GLY A 265 -13.60 -27.16 -28.58
N GLN A 266 -13.24 -26.30 -27.64
CA GLN A 266 -14.18 -25.81 -26.63
C GLN A 266 -14.97 -24.62 -27.11
N ASP A 267 -14.77 -24.19 -28.35
CA ASP A 267 -15.38 -22.93 -28.81
C ASP A 267 -16.89 -23.04 -28.90
N ARG A 268 -17.40 -24.21 -29.29
CA ARG A 268 -18.85 -24.39 -29.30
C ARG A 268 -19.43 -24.25 -27.90
N SER A 269 -18.75 -24.81 -26.90
CA SER A 269 -19.22 -24.70 -25.51
C SER A 269 -19.04 -23.28 -24.97
N ALA A 270 -17.99 -22.59 -25.39
CA ALA A 270 -17.75 -21.23 -24.90
C ALA A 270 -18.78 -20.25 -25.43
N ARG A 271 -19.26 -20.44 -26.66
CA ARG A 271 -20.26 -19.51 -27.20
C ARG A 271 -21.56 -19.60 -26.43
N GLN A 272 -21.98 -20.81 -26.08
CA GLN A 272 -23.19 -20.93 -25.27
C GLN A 272 -22.98 -20.27 -23.90
N ALA A 273 -21.82 -20.49 -23.30
CA ALA A 273 -21.56 -19.88 -22.00
C ALA A 273 -21.53 -18.36 -22.09
N PHE A 274 -20.92 -17.83 -23.14
CA PHE A 274 -20.78 -16.38 -23.28
C PHE A 274 -22.11 -15.68 -23.59
N GLN A 275 -23.20 -16.42 -23.77
CA GLN A 275 -24.49 -15.76 -23.89
C GLN A 275 -24.87 -15.02 -22.62
N ALA A 276 -24.27 -15.37 -21.48
CA ALA A 276 -24.54 -14.70 -20.21
C ALA A 276 -23.47 -13.68 -19.86
N ALA A 277 -22.57 -13.38 -20.79
CA ALA A 277 -21.43 -12.53 -20.51
C ALA A 277 -21.49 -11.27 -21.36
N LYS A 278 -21.17 -10.13 -20.74
CA LYS A 278 -21.01 -8.88 -21.45
C LYS A 278 -19.67 -8.24 -21.07
N ILE A 279 -19.07 -7.52 -22.01
CA ILE A 279 -17.73 -6.96 -21.84
C ILE A 279 -17.83 -5.46 -21.68
N ILE A 280 -17.24 -4.93 -20.61
CA ILE A 280 -17.16 -3.50 -20.36
C ILE A 280 -15.78 -3.05 -20.81
N THR A 281 -15.75 -2.01 -21.65
CA THR A 281 -14.50 -1.47 -22.16
C THR A 281 -14.56 0.05 -22.12
N TYR A 282 -13.40 0.65 -22.33
CA TYR A 282 -13.36 2.05 -22.75
C TYR A 282 -14.00 2.19 -24.13
N LYS A 283 -14.41 3.41 -24.45
CA LYS A 283 -15.03 3.70 -25.74
C LYS A 283 -13.97 4.10 -26.78
N GLU A 284 -14.05 3.52 -27.97
CA GLU A 284 -13.19 3.96 -29.08
C GLU A 284 -13.60 5.36 -29.53
N PRO A 285 -12.68 6.32 -29.61
CA PRO A 285 -13.06 7.65 -30.10
C PRO A 285 -13.55 7.60 -31.53
N ASP A 286 -14.66 8.28 -31.78
CA ASP A 286 -15.33 8.24 -33.09
C ASP A 286 -14.73 9.21 -34.08
N ASN A 287 -14.38 10.40 -33.62
CA ASN A 287 -14.03 11.54 -34.45
C ASN A 287 -12.97 11.18 -35.48
N PRO A 288 -13.04 11.75 -36.67
CA PRO A 288 -12.04 11.44 -37.70
C PRO A 288 -10.65 11.89 -37.32
N GLU A 289 -10.52 12.94 -36.50
CA GLU A 289 -9.19 13.36 -36.07
C GLU A 289 -8.44 12.21 -35.40
N TYR A 290 -9.17 11.36 -34.66
CA TYR A 290 -8.55 10.21 -34.02
C TYR A 290 -7.92 9.29 -35.05
N LEU A 291 -8.68 8.94 -36.08
CA LEU A 291 -8.16 8.03 -37.10
C LEU A 291 -6.98 8.65 -37.82
N GLU A 292 -7.05 9.94 -38.15
CA GLU A 292 -5.89 10.59 -38.73
C GLU A 292 -4.72 10.58 -37.77
N PHE A 293 -5.00 10.71 -36.47
CA PHE A 293 -3.95 10.67 -35.48
C PHE A 293 -3.30 9.28 -35.42
N LEU A 294 -4.10 8.23 -35.51
CA LEU A 294 -3.54 6.90 -35.51
C LEU A 294 -2.61 6.69 -36.69
N LYS A 295 -2.98 7.21 -37.87
CA LYS A 295 -2.12 7.04 -39.03
C LYS A 295 -0.78 7.71 -38.82
N GLN A 296 -0.79 8.95 -38.32
CA GLN A 296 0.45 9.67 -38.12
C GLN A 296 1.24 9.05 -36.98
N LEU A 297 0.56 8.65 -35.91
CA LEU A 297 1.25 7.99 -34.80
C LEU A 297 1.98 6.76 -35.30
N LYS A 298 1.29 5.91 -36.07
CA LYS A 298 1.94 4.72 -36.63
C LYS A 298 3.14 5.11 -37.48
N LEU A 299 2.98 6.11 -38.34
CA LEU A 299 4.08 6.50 -39.22
C LEU A 299 5.28 6.99 -38.43
N LEU A 300 5.03 7.84 -37.42
CA LEU A 300 6.13 8.42 -36.67
C LEU A 300 6.76 7.42 -35.71
N ALA A 301 5.97 6.50 -35.15
CA ALA A 301 6.53 5.46 -34.28
C ALA A 301 7.42 4.50 -35.05
N ASP A 302 6.97 4.06 -36.23
CA ASP A 302 7.79 3.20 -37.04
C ASP A 302 9.00 3.93 -37.58
N LYS A 303 8.91 5.25 -37.71
CA LYS A 303 10.00 6.06 -38.26
C LYS A 303 11.06 6.31 -37.20
N LYS A 304 10.75 7.14 -36.21
CA LYS A 304 11.73 7.61 -35.25
C LYS A 304 11.73 6.79 -33.96
N PHE A 305 10.99 5.68 -33.92
CA PHE A 305 10.98 4.84 -32.73
C PHE A 305 11.12 3.35 -33.00
N ASN A 306 11.29 2.94 -34.27
CA ASN A 306 11.51 1.53 -34.61
C ASN A 306 10.46 0.62 -33.99
N PHE A 307 9.27 1.16 -33.73
CA PHE A 307 8.20 0.41 -33.09
C PHE A 307 6.99 0.39 -34.01
N THR A 308 6.25 -0.71 -33.94
CA THR A 308 5.05 -0.91 -34.74
C THR A 308 3.84 -0.75 -33.82
N VAL A 309 3.14 0.37 -33.95
CA VAL A 309 1.93 0.59 -33.15
C VAL A 309 0.77 -0.10 -33.85
N GLU A 310 0.17 -1.06 -33.17
CA GLU A 310 -0.98 -1.79 -33.67
C GLU A 310 -2.27 -1.18 -33.14
N ASP A 311 -3.36 -1.47 -33.84
CA ASP A 311 -4.65 -0.93 -33.47
C ASP A 311 -5.15 -1.54 -32.18
N GLY A 312 -5.79 -0.70 -31.37
CA GLY A 312 -6.43 -1.19 -30.17
C GLY A 312 -6.77 -0.06 -29.24
N LEU A 313 -7.64 -0.37 -28.28
CA LEU A 313 -8.02 0.60 -27.27
C LEU A 313 -6.84 1.20 -26.54
N LYS A 314 -5.71 0.49 -26.46
CA LYS A 314 -4.56 1.03 -25.75
C LYS A 314 -4.06 2.34 -26.35
N ASN A 315 -4.33 2.57 -27.63
CA ASN A 315 -3.87 3.79 -28.29
C ASN A 315 -4.52 5.05 -27.74
N ILE A 316 -5.59 4.94 -26.95
CA ILE A 316 -6.14 6.15 -26.37
C ILE A 316 -5.22 6.75 -25.32
N ILE A 317 -4.31 5.95 -24.76
CA ILE A 317 -3.40 6.45 -23.75
C ILE A 317 -2.43 7.43 -24.41
N PRO A 318 -1.69 7.04 -25.46
CA PRO A 318 -0.88 8.05 -26.16
C PRO A 318 -1.71 9.14 -26.79
N ALA A 319 -2.92 8.84 -27.27
CA ALA A 319 -3.78 9.91 -27.76
C ALA A 319 -4.07 10.92 -26.65
N SER A 320 -4.17 10.45 -25.41
CA SER A 320 -4.53 11.34 -24.31
C SER A 320 -3.32 12.11 -23.79
N PHE A 321 -2.14 11.50 -23.82
CA PHE A 321 -0.93 12.27 -23.56
C PHE A 321 -0.82 13.42 -24.55
N HIS A 322 -1.04 13.11 -25.82
CA HIS A 322 -1.03 14.13 -26.87
C HIS A 322 -2.01 15.24 -26.57
N ASP A 323 -3.27 14.88 -26.37
CA ASP A 323 -4.30 15.88 -26.07
C ASP A 323 -3.96 16.66 -24.80
N GLY A 324 -3.61 15.97 -23.72
CA GLY A 324 -3.31 16.65 -22.48
C GLY A 324 -2.16 17.62 -22.61
N LEU A 325 -1.18 17.28 -23.44
CA LEU A 325 -0.05 18.18 -23.66
C LEU A 325 -0.51 19.47 -24.33
N LEU A 326 -1.32 19.35 -25.39
CA LEU A 326 -1.86 20.55 -26.00
C LEU A 326 -2.71 21.34 -25.01
N LEU A 327 -3.55 20.63 -24.25
CA LEU A 327 -4.35 21.27 -23.22
C LEU A 327 -3.49 22.06 -22.24
N TYR A 328 -2.31 21.54 -21.92
CA TYR A 328 -1.39 22.28 -21.07
C TYR A 328 -0.83 23.50 -21.78
N VAL A 329 -0.38 23.33 -23.03
CA VAL A 329 0.28 24.42 -23.74
C VAL A 329 -0.68 25.60 -23.88
N GLN A 330 -1.93 25.33 -24.19
CA GLN A 330 -2.90 26.41 -24.22
C GLN A 330 -3.00 27.08 -22.86
N ALA A 331 -3.07 26.27 -21.79
CA ALA A 331 -3.15 26.83 -20.45
C ALA A 331 -1.96 27.74 -20.17
N VAL A 332 -0.76 27.27 -20.50
CA VAL A 332 0.41 28.12 -20.33
C VAL A 332 0.28 29.38 -21.16
N THR A 333 -0.08 29.24 -22.43
CA THR A 333 -0.28 30.42 -23.26
C THR A 333 -1.30 31.37 -22.65
N GLU A 334 -2.39 30.82 -22.11
CA GLU A 334 -3.37 31.65 -21.43
C GLU A 334 -2.78 32.33 -20.20
N THR A 335 -2.02 31.59 -19.38
CA THR A 335 -1.42 32.19 -18.19
C THR A 335 -0.44 33.28 -18.57
N LEU A 336 0.38 33.03 -19.60
CA LEU A 336 1.27 34.08 -20.07
C LEU A 336 0.49 35.28 -20.56
N ALA A 337 -0.67 35.03 -21.18
CA ALA A 337 -1.51 36.10 -21.73
C ALA A 337 -2.03 37.03 -20.66
N GLN A 338 -1.95 36.65 -19.38
CA GLN A 338 -2.40 37.51 -18.30
C GLN A 338 -1.27 37.78 -17.31
N GLY A 339 -0.04 37.87 -17.81
CA GLY A 339 1.08 38.28 -16.98
C GLY A 339 1.68 37.20 -16.11
N GLY A 340 1.11 36.01 -16.11
CA GLY A 340 1.68 34.92 -15.35
C GLY A 340 2.95 34.40 -16.00
N THR A 341 3.51 33.39 -15.38
CA THR A 341 4.71 32.72 -15.88
C THR A 341 4.41 31.24 -16.05
N VAL A 342 5.35 30.55 -16.69
CA VAL A 342 5.19 29.12 -16.90
C VAL A 342 5.33 28.34 -15.61
N THR A 343 5.72 28.98 -14.52
CA THR A 343 5.88 28.31 -13.24
C THR A 343 4.70 28.52 -12.29
N ASP A 344 3.67 29.25 -12.72
CA ASP A 344 2.46 29.42 -11.92
C ASP A 344 1.62 28.13 -12.03
N GLY A 345 2.12 27.09 -11.36
CA GLY A 345 1.51 25.78 -11.48
C GLY A 345 0.05 25.75 -11.07
N GLU A 346 -0.32 26.57 -10.07
CA GLU A 346 -1.72 26.61 -9.65
C GLU A 346 -2.59 27.30 -10.69
N ASN A 347 -2.18 28.49 -11.14
CA ASN A 347 -2.93 29.18 -12.19
C ASN A 347 -3.08 28.30 -13.42
N ILE A 348 -1.99 27.66 -13.84
CA ILE A 348 -2.02 26.79 -15.01
C ILE A 348 -2.94 25.59 -14.78
N THR A 349 -2.82 24.96 -13.61
CA THR A 349 -3.65 23.79 -13.32
C THR A 349 -5.13 24.16 -13.33
N GLN A 350 -5.49 25.26 -12.66
CA GLN A 350 -6.89 25.65 -12.59
C GLN A 350 -7.44 26.05 -13.94
N ARG A 351 -6.58 26.52 -14.85
CA ARG A 351 -7.03 26.78 -16.20
C ARG A 351 -7.38 25.49 -16.92
N MET A 352 -6.66 24.40 -16.63
CA MET A 352 -6.97 23.12 -17.25
C MET A 352 -8.14 22.43 -16.58
N TRP A 353 -8.42 22.72 -15.32
CA TRP A 353 -9.45 22.01 -14.58
C TRP A 353 -10.83 22.61 -14.82
N ASN A 354 -11.83 21.74 -14.74
CA ASN A 354 -13.22 22.10 -15.02
C ASN A 354 -13.34 22.79 -16.38
N ARG A 355 -12.90 22.07 -17.41
CA ARG A 355 -12.74 22.66 -18.73
C ARG A 355 -13.01 21.59 -19.78
N SER A 356 -13.68 21.98 -20.86
CA SER A 356 -13.87 21.13 -22.04
C SER A 356 -12.85 21.47 -23.09
N PHE A 357 -12.48 20.48 -23.90
CA PHE A 357 -11.41 20.65 -24.85
C PHE A 357 -11.68 19.77 -26.06
N GLN A 358 -11.14 20.16 -27.20
CA GLN A 358 -11.27 19.39 -28.43
C GLN A 358 -9.91 18.83 -28.81
N GLY A 359 -9.75 17.50 -28.69
CA GLY A 359 -8.52 16.84 -29.06
C GLY A 359 -8.77 15.71 -30.03
N VAL A 360 -7.67 15.06 -30.43
CA VAL A 360 -7.75 13.90 -31.34
C VAL A 360 -8.70 12.84 -30.80
N THR A 361 -8.84 12.73 -29.49
CA THR A 361 -9.83 11.86 -28.89
C THR A 361 -11.22 12.48 -28.91
N GLY A 362 -11.39 13.57 -29.64
CA GLY A 362 -12.68 14.23 -29.69
C GLY A 362 -12.90 15.16 -28.49
N TYR A 363 -14.16 15.24 -28.09
CA TYR A 363 -14.52 16.01 -26.91
C TYR A 363 -13.95 15.34 -25.68
N LEU A 364 -13.13 16.07 -24.94
CA LEU A 364 -12.68 15.61 -23.63
C LEU A 364 -12.92 16.71 -22.60
N LYS A 365 -13.45 16.30 -21.45
CA LYS A 365 -13.79 17.19 -20.34
C LYS A 365 -12.94 16.84 -19.14
N ILE A 366 -12.21 17.82 -18.60
CA ILE A 366 -11.53 17.68 -17.32
C ILE A 366 -12.51 18.09 -16.23
N ASP A 367 -12.67 17.26 -15.20
CA ASP A 367 -13.70 17.60 -14.22
C ASP A 367 -13.15 18.63 -13.23
N ARG A 368 -13.96 18.98 -12.24
CA ARG A 368 -13.49 19.87 -11.18
C ARG A 368 -12.30 19.31 -10.44
N ASN A 369 -12.10 18.00 -10.48
CA ASN A 369 -11.04 17.35 -9.72
C ASN A 369 -9.74 17.21 -10.51
N GLY A 370 -9.70 17.61 -11.77
CA GLY A 370 -8.51 17.45 -12.57
C GLY A 370 -8.42 16.15 -13.33
N ASP A 371 -9.52 15.41 -13.42
CA ASP A 371 -9.55 14.10 -14.05
C ASP A 371 -10.46 14.10 -15.28
N ARG A 372 -9.97 13.52 -16.35
CA ARG A 372 -10.76 13.42 -17.57
C ARG A 372 -11.98 12.52 -17.33
N ASP A 373 -13.16 13.05 -17.63
CA ASP A 373 -14.33 12.17 -17.70
C ASP A 373 -14.07 11.06 -18.71
N THR A 374 -14.50 9.84 -18.37
CA THR A 374 -14.17 8.67 -19.16
C THR A 374 -15.43 8.03 -19.73
N ASP A 375 -15.49 7.89 -21.05
CA ASP A 375 -16.61 7.21 -21.68
C ASP A 375 -16.35 5.71 -21.74
N PHE A 376 -17.43 4.94 -21.63
CA PHE A 376 -17.35 3.49 -21.64
C PHE A 376 -18.32 2.91 -22.65
N SER A 377 -17.93 1.78 -23.23
CA SER A 377 -18.79 1.02 -24.11
C SER A 377 -19.17 -0.30 -23.45
N LEU A 378 -20.35 -0.79 -23.79
CA LEU A 378 -20.81 -2.09 -23.32
C LEU A 378 -20.98 -2.99 -24.53
N TRP A 379 -20.28 -4.11 -24.54
CA TRP A 379 -20.37 -5.08 -25.62
C TRP A 379 -21.32 -6.20 -25.25
N ASP A 380 -22.06 -6.69 -26.23
CA ASP A 380 -22.97 -7.82 -26.06
C ASP A 380 -22.91 -8.67 -27.31
N MET A 381 -23.30 -9.94 -27.17
CA MET A 381 -23.28 -10.86 -28.30
C MET A 381 -24.62 -10.88 -29.00
N ASP A 382 -24.55 -11.01 -30.31
CA ASP A 382 -25.73 -11.21 -31.14
C ASP A 382 -26.10 -12.68 -31.05
N PRO A 383 -27.25 -13.02 -30.46
CA PRO A 383 -27.61 -14.44 -30.32
C PRO A 383 -27.70 -15.17 -31.66
N GLU A 384 -27.81 -14.46 -32.78
CA GLU A 384 -27.84 -15.10 -34.08
C GLU A 384 -26.44 -15.53 -34.51
N THR A 385 -25.51 -14.58 -34.61
CA THR A 385 -24.16 -14.88 -35.07
C THR A 385 -23.23 -15.26 -33.93
N GLY A 386 -23.49 -14.78 -32.72
CA GLY A 386 -22.62 -15.03 -31.59
C GLY A 386 -21.51 -14.01 -31.41
N ALA A 387 -21.29 -13.15 -32.40
CA ALA A 387 -20.26 -12.13 -32.31
C ALA A 387 -20.68 -11.02 -31.35
N PHE A 388 -19.67 -10.40 -30.72
CA PHE A 388 -19.91 -9.32 -29.79
C PHE A 388 -19.83 -7.97 -30.49
N ARG A 389 -20.73 -7.07 -30.12
CA ARG A 389 -20.73 -5.72 -30.66
C ARG A 389 -21.21 -4.75 -29.59
N VAL A 390 -20.80 -3.49 -29.73
CA VAL A 390 -21.22 -2.47 -28.78
C VAL A 390 -22.72 -2.28 -28.89
N VAL A 391 -23.39 -2.33 -27.74
CA VAL A 391 -24.82 -2.09 -27.69
C VAL A 391 -25.19 -0.91 -26.81
N LEU A 392 -24.27 -0.42 -26.00
CA LEU A 392 -24.53 0.63 -25.03
C LEU A 392 -23.28 1.49 -24.87
N ASN A 393 -23.47 2.80 -24.84
CA ASN A 393 -22.36 3.71 -24.67
C ASN A 393 -22.66 4.70 -23.57
N TYR A 394 -21.64 5.00 -22.77
CA TYR A 394 -21.76 5.87 -21.61
C TYR A 394 -20.90 7.11 -21.81
N ASN A 395 -21.55 8.27 -21.84
CA ASN A 395 -20.87 9.55 -21.92
C ASN A 395 -20.51 9.99 -20.50
N GLY A 396 -19.22 9.95 -20.18
CA GLY A 396 -18.80 10.21 -18.81
C GLY A 396 -19.20 11.59 -18.31
N THR A 397 -19.17 12.57 -19.20
CA THR A 397 -19.43 13.94 -18.75
C THR A 397 -20.91 14.17 -18.45
N SER A 398 -21.78 13.58 -19.26
CA SER A 398 -23.21 13.69 -19.04
C SER A 398 -23.79 12.51 -18.28
N GLN A 399 -23.00 11.45 -18.09
CA GLN A 399 -23.43 10.26 -17.35
C GLN A 399 -24.72 9.67 -17.92
N GLU A 400 -24.82 9.66 -19.25
CA GLU A 400 -25.97 9.12 -19.95
C GLU A 400 -25.60 7.83 -20.67
N LEU A 401 -26.55 6.90 -20.72
CA LEU A 401 -26.40 5.63 -21.43
C LEU A 401 -27.24 5.69 -22.70
N MET A 402 -26.57 5.61 -23.85
CA MET A 402 -27.23 5.74 -25.14
C MET A 402 -27.15 4.41 -25.89
N ALA A 403 -28.28 3.94 -26.39
CA ALA A 403 -28.28 2.72 -27.18
C ALA A 403 -27.52 2.95 -28.49
N VAL A 404 -26.82 1.92 -28.94
CA VAL A 404 -25.87 2.05 -30.03
C VAL A 404 -26.37 1.25 -31.23
N SER A 405 -26.55 1.93 -32.36
CA SER A 405 -26.96 1.29 -33.61
C SER A 405 -28.28 0.55 -33.45
N GLU A 406 -29.17 1.10 -32.62
CA GLU A 406 -30.50 0.54 -32.38
C GLU A 406 -30.43 -0.87 -31.81
N HIS A 407 -29.28 -1.25 -31.25
CA HIS A 407 -29.17 -2.58 -30.68
C HIS A 407 -29.89 -2.65 -29.34
N LYS A 408 -30.19 -3.87 -28.91
CA LYS A 408 -30.80 -4.10 -27.62
C LYS A 408 -29.87 -4.96 -26.77
N LEU A 409 -30.05 -4.88 -25.44
CA LEU A 409 -29.23 -5.67 -24.53
C LEU A 409 -29.79 -7.09 -24.45
N TYR A 410 -28.99 -8.08 -24.85
CA TYR A 410 -29.45 -9.45 -24.92
C TYR A 410 -29.71 -10.02 -23.52
N TRP A 411 -30.91 -10.58 -23.32
CA TRP A 411 -31.29 -11.28 -22.09
C TRP A 411 -31.99 -12.58 -22.48
N PRO A 412 -31.60 -13.71 -21.91
CA PRO A 412 -32.32 -14.96 -22.19
C PRO A 412 -33.75 -14.93 -21.69
N LEU A 413 -34.06 -14.06 -20.73
CA LEU A 413 -35.39 -13.96 -20.16
C LEU A 413 -36.15 -12.73 -20.65
N GLY A 414 -35.66 -12.07 -21.70
CA GLY A 414 -36.28 -10.86 -22.21
C GLY A 414 -35.98 -9.61 -21.42
N TYR A 415 -35.63 -9.74 -20.14
CA TYR A 415 -35.25 -8.62 -19.30
C TYR A 415 -34.15 -9.08 -18.36
N PRO A 416 -33.35 -8.15 -17.82
CA PRO A 416 -32.25 -8.53 -16.94
C PRO A 416 -32.74 -9.32 -15.74
N PRO A 417 -31.96 -10.29 -15.26
CA PRO A 417 -32.33 -11.01 -14.05
C PRO A 417 -32.10 -10.13 -12.82
N PRO A 418 -32.84 -10.37 -11.76
CA PRO A 418 -32.71 -9.52 -10.56
C PRO A 418 -31.41 -9.76 -9.84
N ASP A 419 -30.86 -8.68 -9.27
CA ASP A 419 -29.60 -8.79 -8.53
C ASP A 419 -29.75 -9.54 -7.21
N VAL A 420 -30.95 -9.98 -6.86
CA VAL A 420 -31.17 -10.86 -5.71
C VAL A 420 -32.05 -12.02 -6.16
N PRO A 421 -31.74 -13.27 -5.78
CA PRO A 421 -32.57 -14.40 -6.23
C PRO A 421 -33.94 -14.46 -5.57
N LYS A 422 -34.68 -15.54 -5.84
CA LYS A 422 -36.06 -15.72 -5.41
C LYS A 422 -36.23 -15.55 -3.90
N CYS A 423 -36.03 -16.62 -3.16
CA CYS A 423 -36.21 -16.60 -1.71
C CYS A 423 -34.84 -16.54 -1.03
N GLY A 424 -34.12 -15.48 -1.35
CA GLY A 424 -32.77 -15.28 -0.85
C GLY A 424 -31.75 -16.11 -1.60
N PHE A 425 -30.48 -15.93 -1.21
CA PHE A 425 -29.40 -16.67 -1.83
C PHE A 425 -29.34 -18.13 -1.40
N ASP A 426 -29.87 -18.47 -0.22
CA ASP A 426 -29.94 -19.85 0.22
C ASP A 426 -30.84 -20.69 -0.69
N SER B 1 39.49 8.49 5.96
CA SER B 1 39.97 9.00 7.23
C SER B 1 38.81 9.34 8.15
N ASP B 2 37.60 9.43 7.59
CA ASP B 2 36.43 9.76 8.37
C ASP B 2 35.19 9.13 7.74
N LEU B 3 34.21 8.82 8.59
CA LEU B 3 33.03 8.06 8.20
C LEU B 3 31.81 8.97 8.28
N THR B 4 31.07 9.06 7.18
CA THR B 4 29.91 9.92 7.07
C THR B 4 28.65 9.10 7.26
N VAL B 5 27.87 9.45 8.27
CA VAL B 5 26.66 8.72 8.65
C VAL B 5 25.46 9.60 8.34
N ALA B 6 24.59 9.12 7.46
CA ALA B 6 23.39 9.86 7.12
C ALA B 6 22.23 9.42 8.00
N VAL B 7 21.49 10.39 8.52
CA VAL B 7 20.37 10.13 9.42
C VAL B 7 19.10 10.72 8.81
N VAL B 8 18.04 9.91 8.74
CA VAL B 8 16.72 10.35 8.29
C VAL B 8 15.72 9.90 9.36
N LEU B 9 15.43 10.80 10.29
CA LEU B 9 14.49 10.51 11.37
C LEU B 9 13.68 11.78 11.63
N PRO B 10 12.67 11.73 12.50
CA PRO B 10 11.99 12.98 12.88
C PRO B 10 12.88 13.89 13.71
N LEU B 11 13.40 14.96 13.10
CA LEU B 11 14.32 15.82 13.81
C LEU B 11 13.62 16.80 14.74
N THR B 12 12.33 17.01 14.57
CA THR B 12 11.60 18.03 15.30
C THR B 12 10.46 17.47 16.12
N ASN B 13 9.77 16.47 15.60
CA ASN B 13 8.70 15.85 16.35
C ASN B 13 9.31 14.89 17.36
N THR B 14 8.98 15.08 18.64
CA THR B 14 9.52 14.26 19.72
C THR B 14 8.52 13.21 20.21
N SER B 15 7.56 12.84 19.38
CA SER B 15 6.50 11.90 19.77
C SER B 15 6.81 10.46 19.42
N TYR B 16 7.77 10.22 18.49
CA TYR B 16 8.05 8.89 18.02
C TYR B 16 9.11 8.22 18.89
N PRO B 17 9.02 6.91 19.06
CA PRO B 17 10.10 6.20 19.77
C PRO B 17 11.44 6.42 19.10
N TRP B 18 11.43 6.73 17.81
CA TRP B 18 12.67 6.96 17.07
C TRP B 18 12.89 8.43 16.73
N SER B 19 12.22 9.34 17.44
CA SER B 19 12.48 10.77 17.29
C SER B 19 13.94 11.10 17.60
N TRP B 20 14.46 12.13 16.93
CA TRP B 20 15.85 12.50 17.13
C TRP B 20 16.12 13.01 18.54
N ALA B 21 15.15 13.67 19.19
CA ALA B 21 15.33 14.11 20.57
C ALA B 21 15.71 12.96 21.49
N ARG B 22 15.46 11.75 21.05
CA ARG B 22 15.65 10.52 21.81
C ARG B 22 16.70 9.62 21.19
N VAL B 23 16.75 9.54 19.86
CA VAL B 23 17.74 8.72 19.20
C VAL B 23 19.05 9.49 19.05
N GLY B 24 18.99 10.81 18.94
CA GLY B 24 20.15 11.65 18.86
C GLY B 24 21.14 11.43 19.98
N PRO B 25 20.72 11.66 21.23
CA PRO B 25 21.64 11.45 22.36
C PRO B 25 22.06 10.00 22.51
N ALA B 26 21.24 9.04 22.08
CA ALA B 26 21.68 7.66 22.11
C ALA B 26 22.80 7.40 21.10
N VAL B 27 22.67 8.00 19.91
CA VAL B 27 23.73 7.92 18.90
C VAL B 27 24.97 8.64 19.39
N GLU B 28 24.79 9.82 19.98
CA GLU B 28 25.90 10.56 20.55
C GLU B 28 26.68 9.69 21.54
N LEU B 29 25.96 8.98 22.42
CA LEU B 29 26.62 8.04 23.32
C LEU B 29 27.40 7.00 22.53
N ALA B 30 26.84 6.52 21.42
CA ALA B 30 27.47 5.45 20.67
C ALA B 30 28.75 5.94 19.99
N LEU B 31 28.71 7.15 19.42
CA LEU B 31 29.92 7.67 18.82
C LEU B 31 30.98 7.92 19.87
N ALA B 32 30.58 8.47 21.03
CA ALA B 32 31.54 8.75 22.09
C ALA B 32 32.24 7.49 22.55
N ARG B 33 31.54 6.35 22.52
CA ARG B 33 32.18 5.10 22.90
C ARG B 33 33.13 4.60 21.82
N VAL B 34 32.78 4.79 20.54
CA VAL B 34 33.68 4.50 19.43
C VAL B 34 35.00 5.24 19.63
N LYS B 35 34.93 6.51 20.03
CA LYS B 35 36.13 7.30 20.24
C LYS B 35 36.99 6.70 21.36
N ALA B 36 36.35 6.26 22.44
CA ALA B 36 37.04 5.69 23.58
C ALA B 36 37.52 4.26 23.33
N ARG B 37 37.20 3.65 22.18
CA ARG B 37 37.60 2.28 21.90
C ARG B 37 38.72 2.26 20.86
N PRO B 38 39.96 1.91 21.24
CA PRO B 38 41.03 1.81 20.23
C PRO B 38 40.86 0.62 19.31
N ASP B 39 39.91 -0.26 19.56
CA ASP B 39 39.64 -1.39 18.70
C ASP B 39 38.51 -1.12 17.69
N LEU B 40 37.83 0.01 17.79
CA LEU B 40 36.77 0.38 16.85
C LEU B 40 37.23 1.59 16.06
N LEU B 41 37.42 1.39 14.75
CA LEU B 41 37.78 2.42 13.77
C LEU B 41 38.80 3.40 14.33
N PRO B 42 40.03 2.95 14.61
CA PRO B 42 41.03 3.86 15.19
C PRO B 42 41.46 4.90 14.17
N GLY B 43 41.42 6.17 14.58
CA GLY B 43 41.79 7.27 13.71
C GLY B 43 40.63 7.88 12.95
N TRP B 44 39.61 7.09 12.61
CA TRP B 44 38.45 7.63 11.91
C TRP B 44 37.71 8.64 12.78
N THR B 45 37.17 9.66 12.15
CA THR B 45 36.33 10.67 12.80
C THR B 45 34.96 10.58 12.17
N VAL B 46 34.08 9.81 12.81
CA VAL B 46 32.75 9.54 12.27
C VAL B 46 31.92 10.81 12.33
N ARG B 47 31.52 11.30 11.16
CA ARG B 47 30.68 12.48 11.07
C ARG B 47 29.24 12.09 10.74
N MET B 48 28.31 12.94 11.17
CA MET B 48 26.90 12.69 10.97
C MET B 48 26.25 13.87 10.27
N VAL B 49 25.45 13.55 9.25
CA VAL B 49 24.63 14.53 8.55
C VAL B 49 23.17 14.12 8.68
N LEU B 50 22.33 15.07 9.06
CA LEU B 50 20.95 14.79 9.43
C LEU B 50 19.98 15.21 8.33
N GLY B 51 18.85 14.52 8.30
CA GLY B 51 17.72 14.82 7.44
C GLY B 51 16.42 14.47 8.12
N SER B 52 15.43 15.36 8.04
CA SER B 52 14.18 15.16 8.74
C SER B 52 13.22 14.36 7.87
N SER B 53 12.72 13.26 8.43
CA SER B 53 11.74 12.44 7.74
C SER B 53 10.34 13.03 7.79
N GLU B 54 10.14 14.13 8.50
CA GLU B 54 8.80 14.64 8.71
C GLU B 54 8.48 15.75 7.70
N ASN B 55 7.19 15.84 7.38
CA ASN B 55 6.70 16.79 6.40
C ASN B 55 6.40 18.12 7.10
N ALA B 56 5.74 19.04 6.38
CA ALA B 56 5.46 20.36 6.94
C ALA B 56 4.54 20.28 8.15
N ALA B 57 3.69 19.25 8.22
CA ALA B 57 2.81 19.09 9.36
C ALA B 57 3.50 18.47 10.55
N GLY B 58 4.76 18.04 10.40
CA GLY B 58 5.53 17.49 11.50
C GLY B 58 5.36 16.01 11.76
N VAL B 59 4.69 15.26 10.89
CA VAL B 59 4.59 13.82 11.04
C VAL B 59 5.47 13.16 10.00
N CYS B 60 5.92 11.95 10.32
CA CYS B 60 6.81 11.26 9.39
C CYS B 60 6.09 11.03 8.07
N SER B 61 6.80 11.22 6.97
CA SER B 61 6.19 11.37 5.66
C SER B 61 6.70 10.32 4.69
N ASP B 62 5.82 9.85 3.81
CA ASP B 62 6.25 9.03 2.69
C ASP B 62 6.89 9.86 1.59
N THR B 63 7.04 11.16 1.80
CA THR B 63 7.63 12.06 0.83
C THR B 63 8.82 12.81 1.39
N ALA B 64 8.69 13.38 2.59
CA ALA B 64 9.79 14.15 3.15
C ALA B 64 11.02 13.27 3.31
N ALA B 65 10.83 12.08 3.88
CA ALA B 65 11.94 11.15 4.13
C ALA B 65 12.69 10.77 2.85
N PRO B 66 12.05 10.20 1.81
CA PRO B 66 12.83 9.85 0.62
C PRO B 66 13.51 11.05 -0.02
N LEU B 67 12.89 12.24 0.06
CA LEU B 67 13.54 13.45 -0.43
C LEU B 67 14.79 13.75 0.38
N ALA B 68 14.68 13.69 1.71
CA ALA B 68 15.84 13.88 2.58
C ALA B 68 16.96 12.90 2.26
N ALA B 69 16.61 11.65 1.97
CA ALA B 69 17.64 10.65 1.68
C ALA B 69 18.43 10.99 0.43
N VAL B 70 17.75 11.43 -0.63
CA VAL B 70 18.46 11.80 -1.85
C VAL B 70 19.34 13.02 -1.60
N ASP B 71 18.83 13.96 -0.81
CA ASP B 71 19.59 15.17 -0.52
C ASP B 71 20.89 14.84 0.21
N LEU B 72 20.81 13.98 1.22
CA LEU B 72 22.02 13.59 1.93
C LEU B 72 22.94 12.76 1.05
N LYS B 73 22.38 12.01 0.10
CA LYS B 73 23.20 11.11 -0.69
C LYS B 73 24.07 11.88 -1.66
N TRP B 74 23.53 12.90 -2.32
N TRP B 74 23.52 12.90 -2.32
CA TRP B 74 24.31 13.66 -3.27
CA TRP B 74 24.28 13.68 -3.27
C TRP B 74 25.15 14.76 -2.61
C TRP B 74 25.17 14.72 -2.60
N GLU B 75 24.77 15.20 -1.41
CA GLU B 75 25.52 16.26 -0.76
C GLU B 75 26.70 15.74 0.05
N HIS B 76 26.62 14.52 0.61
CA HIS B 76 27.68 14.03 1.48
C HIS B 76 28.18 12.64 1.13
N SER B 77 27.50 11.91 0.26
CA SER B 77 27.90 10.57 -0.14
C SER B 77 28.20 9.71 1.09
N PRO B 78 27.23 9.45 1.94
CA PRO B 78 27.49 8.73 3.19
C PRO B 78 27.72 7.24 2.95
N ALA B 79 28.20 6.58 4.01
CA ALA B 79 28.49 5.15 3.96
C ALA B 79 27.39 4.31 4.57
N VAL B 80 26.47 4.92 5.30
CA VAL B 80 25.42 4.18 5.99
C VAL B 80 24.30 5.17 6.29
N PHE B 81 23.07 4.67 6.24
CA PHE B 81 21.92 5.45 6.65
C PHE B 81 21.41 4.95 7.98
N LEU B 82 20.87 5.90 8.75
CA LEU B 82 20.32 5.65 10.07
C LEU B 82 18.87 6.11 10.05
N GLY B 83 17.95 5.18 10.29
CA GLY B 83 16.54 5.45 10.19
C GLY B 83 16.12 5.34 8.74
N PRO B 84 14.84 5.59 8.40
CA PRO B 84 13.75 6.04 9.27
C PRO B 84 13.13 4.93 10.10
N GLY B 85 12.26 5.33 11.01
CA GLY B 85 11.55 4.41 11.86
C GLY B 85 10.14 4.16 11.39
N CYS B 86 9.50 5.15 10.77
CA CYS B 86 8.16 4.91 10.27
C CYS B 86 8.20 4.00 9.04
N VAL B 87 7.15 3.17 8.89
CA VAL B 87 7.12 2.20 7.80
C VAL B 87 7.05 2.89 6.45
N TYR B 88 6.09 3.82 6.28
CA TYR B 88 5.91 4.47 4.99
C TYR B 88 7.04 5.43 4.67
N SER B 89 7.83 5.82 5.67
CA SER B 89 9.05 6.58 5.38
C SER B 89 10.18 5.64 5.01
N ALA B 90 10.31 4.54 5.77
CA ALA B 90 11.44 3.64 5.58
C ALA B 90 11.34 2.87 4.28
N ALA B 91 10.13 2.51 3.86
CA ALA B 91 9.98 1.72 2.63
C ALA B 91 10.58 2.44 1.42
N PRO B 92 10.19 3.68 1.07
CA PRO B 92 10.87 4.32 -0.06
C PRO B 92 12.35 4.53 0.16
N VAL B 93 12.76 4.92 1.38
CA VAL B 93 14.18 5.18 1.62
C VAL B 93 14.97 3.89 1.50
N GLY B 94 14.46 2.81 2.09
CA GLY B 94 15.13 1.52 1.97
C GLY B 94 15.36 1.12 0.53
N ARG B 95 14.34 1.29 -0.31
N ARG B 95 14.34 1.27 -0.31
CA ARG B 95 14.51 0.97 -1.73
CA ARG B 95 14.51 0.97 -1.73
C ARG B 95 15.54 1.87 -2.39
C ARG B 95 15.55 1.86 -2.37
N PHE B 96 15.63 3.13 -1.95
CA PHE B 96 16.65 4.02 -2.49
C PHE B 96 18.04 3.56 -2.09
N THR B 97 18.24 3.30 -0.79
CA THR B 97 19.55 2.88 -0.32
C THR B 97 19.94 1.52 -0.90
N ALA B 98 18.96 0.62 -1.02
CA ALA B 98 19.23 -0.67 -1.66
C ALA B 98 19.76 -0.49 -3.07
N HIS B 99 19.15 0.42 -3.83
CA HIS B 99 19.64 0.71 -5.18
C HIS B 99 21.01 1.38 -5.16
N TRP B 100 21.28 2.18 -4.13
CA TRP B 100 22.54 2.88 -4.03
C TRP B 100 23.68 1.99 -3.57
N ARG B 101 23.39 0.77 -3.10
CA ARG B 101 24.37 -0.15 -2.52
C ARG B 101 24.91 0.36 -1.18
N VAL B 102 24.08 1.07 -0.42
CA VAL B 102 24.48 1.69 0.84
C VAL B 102 23.76 0.96 1.98
N PRO B 103 24.47 0.55 3.02
CA PRO B 103 23.79 -0.11 4.13
C PRO B 103 22.83 0.83 4.81
N LEU B 104 21.79 0.24 5.40
CA LEU B 104 20.76 0.97 6.12
C LEU B 104 20.54 0.30 7.46
N LEU B 105 20.62 1.09 8.54
CA LEU B 105 20.37 0.61 9.89
C LEU B 105 19.17 1.34 10.48
N THR B 106 18.29 0.60 11.14
CA THR B 106 17.18 1.23 11.81
C THR B 106 16.62 0.28 12.86
N ALA B 107 16.18 0.85 13.96
CA ALA B 107 15.47 0.11 14.99
C ALA B 107 13.97 0.22 14.81
N GLY B 108 13.52 0.77 13.69
CA GLY B 108 12.11 0.85 13.36
C GLY B 108 11.76 0.07 12.11
N ALA B 109 10.84 0.57 11.32
CA ALA B 109 10.42 -0.17 10.12
C ALA B 109 10.14 -1.65 10.43
N PRO B 110 9.30 -1.97 11.41
CA PRO B 110 9.07 -3.38 11.74
C PRO B 110 8.16 -4.12 10.76
N ALA B 111 7.69 -3.48 9.70
CA ALA B 111 6.67 -4.08 8.84
C ALA B 111 7.18 -5.32 8.13
N LEU B 112 6.24 -6.25 7.90
CA LEU B 112 6.53 -7.47 7.15
C LEU B 112 7.33 -7.22 5.88
N GLY B 113 6.96 -6.21 5.09
CA GLY B 113 7.56 -6.07 3.77
C GLY B 113 9.03 -5.69 3.80
N ILE B 114 9.45 -4.99 4.86
CA ILE B 114 10.87 -4.66 5.01
C ILE B 114 11.68 -5.95 5.15
N GLY B 115 11.08 -7.01 5.68
CA GLY B 115 11.76 -8.28 5.80
C GLY B 115 12.17 -8.91 4.48
N VAL B 116 11.60 -8.44 3.36
CA VAL B 116 11.99 -9.02 2.07
C VAL B 116 13.34 -8.41 1.70
N LYS B 117 14.42 -9.00 2.21
CA LYS B 117 15.73 -8.40 1.99
C LYS B 117 16.17 -8.55 0.54
N ASP B 118 15.53 -9.45 -0.21
CA ASP B 118 15.74 -9.47 -1.66
C ASP B 118 15.42 -8.11 -2.27
N GLU B 119 14.46 -7.38 -1.70
N GLU B 119 14.48 -7.37 -1.69
CA GLU B 119 14.16 -6.01 -2.10
CA GLU B 119 14.17 -6.01 -2.11
C GLU B 119 14.90 -4.98 -1.25
C GLU B 119 14.85 -4.95 -1.26
N TYR B 120 14.78 -5.09 0.07
CA TYR B 120 15.43 -4.15 1.00
C TYR B 120 16.83 -4.63 1.35
N ALA B 121 17.61 -4.85 0.29
CA ALA B 121 18.99 -5.26 0.41
C ALA B 121 19.76 -4.30 1.32
N LEU B 122 20.73 -4.85 2.04
CA LEU B 122 21.59 -4.06 2.93
C LEU B 122 20.79 -3.25 3.96
N THR B 123 19.54 -3.63 4.23
CA THR B 123 18.80 -3.08 5.35
C THR B 123 18.94 -4.04 6.52
N THR B 124 19.57 -3.58 7.59
CA THR B 124 19.67 -4.37 8.83
C THR B 124 18.78 -3.73 9.88
N ARG B 125 17.91 -4.54 10.48
CA ARG B 125 17.00 -4.09 11.52
C ARG B 125 17.52 -4.56 12.86
N THR B 126 17.77 -3.62 13.77
CA THR B 126 18.27 -3.93 15.10
C THR B 126 17.24 -3.68 16.19
N GLY B 127 16.02 -3.27 15.83
CA GLY B 127 14.89 -3.25 16.74
C GLY B 127 13.87 -4.31 16.40
N PRO B 128 12.70 -4.21 17.02
CA PRO B 128 11.65 -5.25 16.83
C PRO B 128 11.14 -5.38 15.40
N SER B 129 10.68 -6.60 15.08
CA SER B 129 9.97 -6.90 13.84
C SER B 129 8.63 -7.53 14.17
N HIS B 130 7.64 -7.28 13.34
CA HIS B 130 6.31 -7.83 13.62
C HIS B 130 6.22 -9.32 13.30
N VAL B 131 7.07 -9.85 12.41
CA VAL B 131 7.11 -11.30 12.27
C VAL B 131 7.58 -11.93 13.57
N LYS B 132 8.52 -11.28 14.26
CA LYS B 132 8.98 -11.81 15.55
C LYS B 132 7.82 -11.91 16.53
N LEU B 133 6.84 -11.02 16.41
CA LEU B 133 5.63 -11.15 17.22
C LEU B 133 4.89 -12.43 16.85
N GLY B 134 4.84 -12.76 15.56
CA GLY B 134 4.25 -14.02 15.15
C GLY B 134 4.95 -15.22 15.76
N ASP B 135 6.27 -15.14 15.88
CA ASP B 135 7.03 -16.20 16.53
C ASP B 135 6.60 -16.40 17.98
N PHE B 136 6.41 -15.30 18.70
CA PHE B 136 5.97 -15.37 20.09
C PHE B 136 4.59 -16.00 20.19
N VAL B 137 3.64 -15.51 19.38
CA VAL B 137 2.29 -16.06 19.38
C VAL B 137 2.31 -17.54 19.03
N THR B 138 3.08 -17.91 18.01
CA THR B 138 3.25 -19.32 17.68
C THR B 138 3.65 -20.13 18.90
N ALA B 139 4.73 -19.70 19.57
CA ALA B 139 5.19 -20.43 20.75
C ALA B 139 4.13 -20.44 21.83
N LEU B 140 3.41 -19.33 21.96
CA LEU B 140 2.34 -19.26 22.95
C LEU B 140 1.26 -20.29 22.65
N HIS B 141 0.79 -20.32 21.40
CA HIS B 141 -0.23 -21.30 21.03
C HIS B 141 0.28 -22.72 21.20
N ARG B 142 1.51 -22.97 20.76
CA ARG B 142 2.08 -24.30 20.92
C ARG B 142 2.13 -24.72 22.37
N ARG B 143 2.42 -23.79 23.26
CA ARG B 143 2.56 -24.13 24.67
C ARG B 143 1.22 -24.11 25.42
N LEU B 144 0.12 -23.81 24.75
CA LEU B 144 -1.17 -23.76 25.43
C LEU B 144 -2.27 -24.55 24.72
N GLY B 145 -1.96 -25.23 23.62
CA GLY B 145 -2.92 -26.11 22.98
C GLY B 145 -3.86 -25.45 22.00
N TRP B 146 -3.77 -24.14 21.81
CA TRP B 146 -4.58 -23.45 20.82
C TRP B 146 -4.01 -23.76 19.46
N GLU B 147 -4.61 -24.73 18.76
CA GLU B 147 -4.11 -25.12 17.44
C GLU B 147 -5.23 -25.13 16.41
N HIS B 148 -6.22 -24.24 16.57
CA HIS B 148 -7.32 -24.23 15.62
C HIS B 148 -7.61 -22.82 15.12
N GLN B 149 -8.00 -21.92 16.02
CA GLN B 149 -8.58 -20.68 15.56
C GLN B 149 -8.32 -19.55 16.55
N ALA B 150 -8.02 -18.39 15.99
CA ALA B 150 -7.91 -17.16 16.76
C ALA B 150 -8.62 -16.05 16.00
N LEU B 151 -8.91 -14.96 16.72
CA LEU B 151 -9.50 -13.78 16.14
C LEU B 151 -8.66 -12.57 16.49
N VAL B 152 -8.43 -11.71 15.51
CA VAL B 152 -7.57 -10.54 15.67
C VAL B 152 -8.38 -9.28 15.32
N LEU B 153 -8.52 -8.39 16.29
CA LEU B 153 -9.15 -7.09 16.10
C LEU B 153 -8.07 -6.02 16.13
N TYR B 154 -8.09 -5.12 15.16
CA TYR B 154 -7.08 -4.07 15.11
C TYR B 154 -7.71 -2.79 14.63
N ALA B 155 -7.10 -1.66 15.02
CA ALA B 155 -7.60 -0.34 14.64
C ALA B 155 -6.46 0.65 14.55
N ASP B 156 -6.54 1.56 13.58
CA ASP B 156 -5.57 2.65 13.42
C ASP B 156 -6.28 3.99 13.23
N ARG B 157 -5.64 5.05 13.73
CA ARG B 157 -6.09 6.41 13.45
C ARG B 157 -5.79 6.75 12.00
N LEU B 158 -6.75 7.32 11.29
CA LEU B 158 -6.55 7.58 9.88
C LEU B 158 -5.34 8.49 9.66
N GLY B 159 -4.51 8.13 8.68
CA GLY B 159 -3.39 8.96 8.28
C GLY B 159 -2.13 8.77 9.09
N ASP B 160 -2.16 7.90 10.08
CA ASP B 160 -0.99 7.61 10.88
C ASP B 160 -0.10 6.63 10.10
N ASP B 161 0.89 6.06 10.76
CA ASP B 161 1.72 5.08 10.11
C ASP B 161 1.12 3.68 10.18
N ARG B 162 -0.18 3.57 10.46
CA ARG B 162 -0.90 2.30 10.56
C ARG B 162 -0.15 1.25 11.40
N PRO B 163 0.24 1.59 12.63
CA PRO B 163 1.05 0.64 13.40
C PRO B 163 0.33 -0.65 13.71
N CYS B 164 -0.94 -0.60 14.10
CA CYS B 164 -1.66 -1.84 14.39
C CYS B 164 -1.79 -2.70 13.15
N PHE B 165 -2.00 -2.09 11.98
CA PHE B 165 -2.14 -2.89 10.78
C PHE B 165 -0.88 -3.69 10.53
N PHE B 166 0.27 -3.03 10.61
CA PHE B 166 1.51 -3.74 10.34
C PHE B 166 1.80 -4.76 11.42
N ILE B 167 1.50 -4.41 12.68
CA ILE B 167 1.61 -5.39 13.77
C ILE B 167 0.80 -6.62 13.45
N VAL B 168 -0.47 -6.42 13.07
CA VAL B 168 -1.35 -7.55 12.79
C VAL B 168 -0.89 -8.30 11.55
N GLU B 169 -0.44 -7.57 10.53
CA GLU B 169 0.05 -8.22 9.32
C GLU B 169 1.19 -9.18 9.61
N GLY B 170 2.17 -8.71 10.39
CA GLY B 170 3.28 -9.57 10.75
C GLY B 170 2.82 -10.77 11.56
N LEU B 171 2.05 -10.51 12.63
CA LEU B 171 1.50 -11.61 13.41
C LEU B 171 0.73 -12.57 12.53
N TYR B 172 -0.11 -12.02 11.65
CA TYR B 172 -1.00 -12.85 10.86
C TYR B 172 -0.21 -13.78 9.95
N MET B 173 0.73 -13.22 9.19
CA MET B 173 1.46 -14.00 8.20
C MET B 173 2.37 -15.03 8.86
N ARG B 174 3.15 -14.60 9.84
CA ARG B 174 4.07 -15.52 10.49
C ARG B 174 3.32 -16.66 11.16
N VAL B 175 2.21 -16.37 11.83
CA VAL B 175 1.50 -17.41 12.58
C VAL B 175 0.91 -18.44 11.63
N ARG B 176 0.32 -18.00 10.52
CA ARG B 176 -0.24 -18.97 9.60
C ARG B 176 0.86 -19.69 8.83
N GLU B 177 2.04 -19.09 8.71
CA GLU B 177 3.18 -19.73 8.08
C GLU B 177 3.67 -20.91 8.89
N ARG B 178 3.59 -20.83 10.22
CA ARG B 178 4.12 -21.84 11.11
C ARG B 178 3.06 -22.78 11.67
N LEU B 179 1.84 -22.31 11.93
CA LEU B 179 0.81 -23.15 12.53
C LEU B 179 -0.30 -23.55 11.56
N ASN B 180 -0.59 -22.70 10.58
CA ASN B 180 -1.66 -22.96 9.61
C ASN B 180 -3.02 -23.15 10.29
N ILE B 181 -3.26 -22.42 11.38
CA ILE B 181 -4.57 -22.43 12.01
C ILE B 181 -5.35 -21.24 11.45
N THR B 182 -6.66 -21.21 11.70
CA THR B 182 -7.51 -20.18 11.12
C THR B 182 -7.40 -18.90 11.95
N VAL B 183 -6.89 -17.85 11.32
CA VAL B 183 -6.70 -16.56 11.97
C VAL B 183 -7.69 -15.58 11.36
N ASN B 184 -8.80 -15.35 12.03
CA ASN B 184 -9.75 -14.35 11.59
C ASN B 184 -9.28 -12.97 12.00
N HIS B 185 -9.56 -11.97 11.16
CA HIS B 185 -9.14 -10.61 11.44
C HIS B 185 -10.25 -9.62 11.09
N GLN B 186 -10.36 -8.57 11.91
CA GLN B 186 -11.33 -7.51 11.69
C GLN B 186 -10.71 -6.17 12.05
N GLU B 187 -10.78 -5.21 11.12
CA GLU B 187 -10.35 -3.84 11.39
C GLU B 187 -11.53 -3.04 11.89
N PHE B 188 -11.28 -2.11 12.82
CA PHE B 188 -12.30 -1.19 13.23
C PHE B 188 -11.69 0.20 13.39
N VAL B 189 -12.57 1.16 13.69
CA VAL B 189 -12.19 2.54 13.92
C VAL B 189 -12.54 2.88 15.36
N GLU B 190 -11.54 3.31 16.14
CA GLU B 190 -11.76 3.41 17.58
C GLU B 190 -12.87 4.40 17.90
N GLY B 191 -12.90 5.54 17.22
CA GLY B 191 -13.88 6.54 17.57
C GLY B 191 -15.29 6.29 17.08
N ASP B 192 -15.51 5.23 16.31
CA ASP B 192 -16.80 4.98 15.67
C ASP B 192 -17.62 4.04 16.54
N PRO B 193 -18.71 4.50 17.15
CA PRO B 193 -19.47 3.61 18.04
C PRO B 193 -20.16 2.49 17.29
N ASP B 194 -20.47 2.68 16.01
CA ASP B 194 -21.12 1.64 15.23
C ASP B 194 -20.31 0.34 15.27
N HIS B 195 -19.00 0.43 15.39
CA HIS B 195 -18.17 -0.75 15.31
C HIS B 195 -18.25 -1.61 16.56
N TYR B 196 -18.73 -1.08 17.66
CA TYR B 196 -18.60 -1.84 18.89
C TYR B 196 -19.66 -2.95 18.96
N PRO B 197 -20.90 -2.72 18.53
CA PRO B 197 -21.81 -3.87 18.35
C PRO B 197 -21.21 -4.93 17.45
N LYS B 198 -20.59 -4.48 16.36
CA LYS B 198 -20.01 -5.41 15.40
C LYS B 198 -18.87 -6.20 16.04
N LEU B 199 -17.93 -5.51 16.70
CA LEU B 199 -16.80 -6.21 17.31
C LEU B 199 -17.29 -7.21 18.36
N LEU B 200 -18.14 -6.76 19.28
CA LEU B 200 -18.64 -7.67 20.30
C LEU B 200 -19.28 -8.90 19.67
N ARG B 201 -20.11 -8.68 18.65
CA ARG B 201 -20.71 -9.79 17.93
C ARG B 201 -19.66 -10.70 17.31
N ALA B 202 -18.61 -10.10 16.75
CA ALA B 202 -17.57 -10.91 16.12
C ALA B 202 -16.72 -11.62 17.15
N VAL B 203 -16.53 -11.00 18.32
CA VAL B 203 -15.80 -11.67 19.39
C VAL B 203 -16.47 -13.00 19.72
N ARG B 204 -17.79 -12.97 19.92
CA ARG B 204 -18.52 -14.17 20.29
C ARG B 204 -19.02 -14.93 19.08
N ARG B 205 -18.29 -14.90 17.96
CA ARG B 205 -18.74 -15.58 16.76
C ARG B 205 -17.55 -16.09 15.97
N LYS B 206 -16.40 -15.43 16.14
CA LYS B 206 -15.23 -15.68 15.32
C LYS B 206 -14.01 -16.19 16.07
N GLY B 207 -14.03 -16.25 17.40
CA GLY B 207 -12.89 -16.77 18.09
C GLY B 207 -13.10 -16.78 19.59
N ARG B 208 -12.23 -17.53 20.28
CA ARG B 208 -12.18 -17.44 21.73
C ARG B 208 -10.81 -17.02 22.22
N VAL B 209 -9.75 -17.38 21.51
CA VAL B 209 -8.45 -16.77 21.68
C VAL B 209 -8.44 -15.50 20.85
N ILE B 210 -8.41 -14.35 21.52
CA ILE B 210 -8.65 -13.08 20.85
C ILE B 210 -7.50 -12.13 21.14
N TYR B 211 -6.94 -11.56 20.09
CA TYR B 211 -5.90 -10.53 20.17
C TYR B 211 -6.47 -9.21 19.68
N ILE B 212 -6.24 -8.15 20.45
CA ILE B 212 -6.70 -6.80 20.10
C ILE B 212 -5.50 -5.89 20.03
N CYS B 213 -5.36 -5.15 18.92
CA CYS B 213 -4.36 -4.11 18.76
C CYS B 213 -5.10 -2.78 18.68
N SER B 214 -4.96 -1.97 19.72
CA SER B 214 -5.70 -0.73 19.85
C SER B 214 -5.06 0.08 20.96
N SER B 215 -5.61 1.28 21.17
CA SER B 215 -5.24 2.11 22.30
C SER B 215 -5.67 1.44 23.60
N PRO B 216 -5.03 1.81 24.72
CA PRO B 216 -5.47 1.24 26.01
C PRO B 216 -6.93 1.52 26.29
N ASP B 217 -7.37 2.76 26.10
CA ASP B 217 -8.77 3.09 26.34
C ASP B 217 -9.70 2.25 25.48
N ALA B 218 -9.32 1.98 24.23
CA ALA B 218 -10.17 1.13 23.39
C ALA B 218 -10.24 -0.27 23.97
N PHE B 219 -9.07 -0.82 24.33
CA PHE B 219 -9.04 -2.15 24.89
C PHE B 219 -9.79 -2.22 26.21
N ARG B 220 -9.74 -1.15 27.02
CA ARG B 220 -10.52 -1.11 28.26
C ARG B 220 -12.02 -1.17 27.96
N ASN B 221 -12.48 -0.30 27.05
CA ASN B 221 -13.90 -0.25 26.73
C ASN B 221 -14.39 -1.58 26.20
N LEU B 222 -13.65 -2.18 25.26
CA LEU B 222 -14.02 -3.50 24.76
C LEU B 222 -14.12 -4.52 25.90
N MET B 223 -13.22 -4.44 26.88
CA MET B 223 -13.31 -5.38 28.00
C MET B 223 -14.57 -5.12 28.82
N LEU B 224 -14.88 -3.86 29.08
CA LEU B 224 -16.09 -3.53 29.83
C LEU B 224 -17.32 -4.06 29.11
N LEU B 225 -17.36 -3.92 27.79
CA LEU B 225 -18.49 -4.44 27.03
C LEU B 225 -18.51 -5.96 27.06
N ALA B 226 -17.35 -6.60 27.01
CA ALA B 226 -17.31 -8.07 27.04
C ALA B 226 -17.81 -8.59 28.38
N LEU B 227 -17.43 -7.94 29.48
CA LEU B 227 -17.97 -8.36 30.77
C LEU B 227 -19.46 -8.09 30.85
N ASN B 228 -19.88 -6.88 30.43
CA ASN B 228 -21.29 -6.55 30.36
C ASN B 228 -22.08 -7.58 29.56
N ALA B 229 -21.46 -8.14 28.52
CA ALA B 229 -22.08 -9.13 27.66
C ALA B 229 -21.82 -10.56 28.11
N GLY B 230 -21.22 -10.74 29.29
CA GLY B 230 -21.00 -12.07 29.84
C GLY B 230 -19.92 -12.88 29.15
N LEU B 231 -18.75 -12.28 28.98
CA LEU B 231 -17.60 -12.94 28.36
C LEU B 231 -16.47 -12.94 29.37
N THR B 232 -16.28 -14.06 30.05
CA THR B 232 -15.30 -14.16 31.12
C THR B 232 -14.15 -15.07 30.74
N GLY B 233 -13.16 -15.15 31.64
CA GLY B 233 -11.96 -15.92 31.39
C GLY B 233 -12.19 -17.41 31.26
N GLU B 234 -13.35 -17.91 31.68
CA GLU B 234 -13.65 -19.32 31.56
C GLU B 234 -13.86 -19.75 30.11
N ASP B 235 -14.12 -18.81 29.21
CA ASP B 235 -14.33 -19.11 27.80
C ASP B 235 -13.46 -18.28 26.88
N TYR B 236 -13.21 -17.02 27.22
CA TYR B 236 -12.49 -16.10 26.37
C TYR B 236 -11.18 -15.66 27.02
N VAL B 237 -10.17 -15.45 26.19
CA VAL B 237 -8.92 -14.83 26.61
C VAL B 237 -8.61 -13.71 25.62
N PHE B 238 -8.38 -12.51 26.15
CA PHE B 238 -8.17 -11.32 25.33
C PHE B 238 -6.73 -10.86 25.52
N PHE B 239 -5.97 -10.89 24.44
CA PHE B 239 -4.58 -10.43 24.46
C PHE B 239 -4.54 -9.03 23.88
N HIS B 240 -4.12 -8.07 24.69
CA HIS B 240 -3.86 -6.72 24.18
C HIS B 240 -2.46 -6.70 23.59
N LEU B 241 -2.39 -6.39 22.29
CA LEU B 241 -1.12 -6.26 21.58
C LEU B 241 -0.61 -4.84 21.82
N ASP B 242 0.02 -4.65 22.97
CA ASP B 242 0.51 -3.34 23.38
C ASP B 242 2.03 -3.41 23.51
N VAL B 243 2.72 -3.47 22.38
CA VAL B 243 4.13 -3.83 22.40
C VAL B 243 4.98 -2.81 23.12
N PHE B 244 4.57 -1.55 23.11
CA PHE B 244 5.28 -0.50 23.84
C PHE B 244 4.69 -0.26 25.22
N GLY B 245 3.76 -1.10 25.65
CA GLY B 245 3.21 -0.99 26.98
C GLY B 245 2.59 0.36 27.25
N GLN B 246 1.89 0.92 26.25
CA GLN B 246 1.21 2.19 26.46
C GLN B 246 0.21 2.09 27.62
N SER B 247 -0.37 0.91 27.83
CA SER B 247 -1.34 0.70 28.89
C SER B 247 -0.71 0.45 30.25
N LEU B 248 0.61 0.60 30.38
CA LEU B 248 1.29 0.37 31.64
C LEU B 248 2.24 1.53 31.93
N LYS B 249 2.61 1.67 33.21
CA LYS B 249 3.64 2.62 33.59
C LYS B 249 5.01 2.00 33.34
N SER B 250 6.07 2.66 33.78
CA SER B 250 7.42 2.20 33.53
C SER B 250 7.83 1.14 34.55
N ALA B 251 8.77 0.29 34.12
CA ALA B 251 9.29 -0.79 34.97
C ALA B 251 10.22 -0.28 36.07
N GLN B 252 10.41 1.03 36.20
CA GLN B 252 11.39 1.57 37.14
C GLN B 252 10.77 1.89 38.50
N GLY B 253 9.65 2.62 38.52
CA GLY B 253 8.91 2.89 39.74
C GLY B 253 7.44 2.58 39.52
N LEU B 254 6.59 3.42 40.10
CA LEU B 254 5.14 3.36 39.88
C LEU B 254 4.58 1.98 40.22
N VAL B 255 4.96 1.46 41.38
CA VAL B 255 4.46 0.16 41.84
C VAL B 255 3.11 0.38 42.52
N PRO B 256 2.06 -0.40 42.17
CA PRO B 256 2.06 -1.48 41.19
C PRO B 256 1.52 -1.05 39.82
N GLN B 257 1.13 -2.01 38.99
CA GLN B 257 0.80 -1.75 37.59
C GLN B 257 -0.68 -2.04 37.36
N LYS B 258 -1.48 -1.00 37.12
CA LYS B 258 -2.93 -1.13 37.01
C LYS B 258 -3.47 -0.47 35.74
N PRO B 259 -3.61 -1.23 34.66
CA PRO B 259 -4.13 -0.65 33.41
C PRO B 259 -5.63 -0.42 33.41
N TRP B 260 -6.38 -1.23 34.16
CA TRP B 260 -7.82 -1.03 34.27
C TRP B 260 -8.19 0.16 35.16
N GLU B 261 -7.24 0.72 35.89
CA GLU B 261 -7.54 1.88 36.72
C GLU B 261 -7.65 3.12 35.85
N ARG B 262 -8.75 3.87 36.01
CA ARG B 262 -8.96 5.07 35.21
C ARG B 262 -9.57 6.23 35.98
N GLY B 263 -10.14 6.02 37.17
CA GLY B 263 -10.67 7.13 37.94
C GLY B 263 -12.04 7.61 37.52
N ASP B 264 -12.78 6.84 36.73
CA ASP B 264 -14.10 7.20 36.25
C ASP B 264 -15.20 6.39 36.93
N GLY B 265 -14.97 5.92 38.16
CA GLY B 265 -15.91 5.05 38.84
C GLY B 265 -16.18 3.72 38.16
N GLN B 266 -15.70 3.53 36.93
CA GLN B 266 -15.80 2.24 36.26
C GLN B 266 -14.68 1.28 36.65
N ASP B 267 -13.76 1.74 37.51
CA ASP B 267 -12.55 0.96 37.78
C ASP B 267 -12.88 -0.36 38.48
N ARG B 268 -13.90 -0.36 39.34
CA ARG B 268 -14.30 -1.62 39.95
C ARG B 268 -14.79 -2.61 38.89
N SER B 269 -15.52 -2.11 37.88
CA SER B 269 -16.02 -2.97 36.82
C SER B 269 -14.91 -3.40 35.87
N ALA B 270 -13.93 -2.53 35.66
CA ALA B 270 -12.84 -2.85 34.75
C ALA B 270 -11.90 -3.92 35.31
N ARG B 271 -11.68 -3.92 36.63
CA ARG B 271 -10.82 -4.94 37.22
C ARG B 271 -11.43 -6.32 37.03
N GLN B 272 -12.73 -6.46 37.24
CA GLN B 272 -13.37 -7.75 37.02
C GLN B 272 -13.26 -8.16 35.56
N ALA B 273 -13.50 -7.22 34.64
CA ALA B 273 -13.36 -7.53 33.22
C ALA B 273 -11.93 -7.95 32.89
N PHE B 274 -10.94 -7.22 33.39
CA PHE B 274 -9.55 -7.48 33.05
C PHE B 274 -9.03 -8.79 33.61
N GLN B 275 -9.81 -9.52 34.40
CA GLN B 275 -9.39 -10.85 34.81
C GLN B 275 -9.25 -11.78 33.62
N ALA B 276 -9.92 -11.49 32.51
CA ALA B 276 -9.84 -12.29 31.30
C ALA B 276 -8.88 -11.71 30.29
N ALA B 277 -8.08 -10.73 30.67
CA ALA B 277 -7.25 -9.98 29.74
C ALA B 277 -5.79 -10.13 30.11
N LYS B 278 -4.93 -10.30 29.09
CA LYS B 278 -3.49 -10.34 29.28
C LYS B 278 -2.83 -9.43 28.26
N ILE B 279 -1.70 -8.84 28.64
CA ILE B 279 -1.03 -7.83 27.85
C ILE B 279 0.28 -8.41 27.31
N ILE B 280 0.45 -8.34 26.00
CA ILE B 280 1.69 -8.74 25.35
C ILE B 280 2.51 -7.48 25.08
N THR B 281 3.78 -7.52 25.46
CA THR B 281 4.68 -6.39 25.29
C THR B 281 6.04 -6.89 24.85
N TYR B 282 6.86 -5.95 24.39
CA TYR B 282 8.29 -6.21 24.34
C TYR B 282 8.83 -6.43 25.75
N LYS B 283 9.99 -7.09 25.85
CA LYS B 283 10.62 -7.33 27.13
C LYS B 283 11.51 -6.16 27.55
N GLU B 284 11.40 -5.74 28.80
CA GLU B 284 12.34 -4.74 29.31
C GLU B 284 13.73 -5.37 29.46
N PRO B 285 14.79 -4.78 28.92
CA PRO B 285 16.13 -5.35 29.11
C PRO B 285 16.51 -5.35 30.59
N ASP B 286 17.10 -6.47 31.02
CA ASP B 286 17.45 -6.70 32.42
C ASP B 286 18.82 -6.18 32.79
N ASN B 287 19.77 -6.27 31.86
CA ASN B 287 21.18 -6.06 32.17
C ASN B 287 21.40 -4.68 32.80
N PRO B 288 22.35 -4.58 33.73
CA PRO B 288 22.65 -3.28 34.34
C PRO B 288 23.18 -2.27 33.35
N GLU B 289 23.78 -2.71 32.24
CA GLU B 289 24.24 -1.75 31.24
C GLU B 289 23.09 -0.94 30.68
N TYR B 290 21.91 -1.57 30.55
CA TYR B 290 20.74 -0.86 30.06
C TYR B 290 20.37 0.29 30.99
N LEU B 291 20.32 0.01 32.29
CA LEU B 291 19.94 1.05 33.23
C LEU B 291 20.96 2.18 33.25
N GLU B 292 22.25 1.84 33.13
CA GLU B 292 23.26 2.88 33.08
C GLU B 292 23.14 3.68 31.79
N PHE B 293 22.73 3.00 30.71
CA PHE B 293 22.46 3.68 29.47
C PHE B 293 21.30 4.64 29.60
N LEU B 294 20.23 4.22 30.29
CA LEU B 294 19.10 5.11 30.47
C LEU B 294 19.52 6.39 31.18
N LYS B 295 20.34 6.25 32.23
CA LYS B 295 20.78 7.42 32.99
C LYS B 295 21.54 8.39 32.10
N GLN B 296 22.45 7.86 31.27
CA GLN B 296 23.25 8.73 30.42
C GLN B 296 22.39 9.32 29.32
N LEU B 297 21.50 8.51 28.75
CA LEU B 297 20.59 9.01 27.72
C LEU B 297 19.76 10.16 28.25
N LYS B 298 19.17 10.00 29.44
CA LYS B 298 18.41 11.10 30.04
C LYS B 298 19.28 12.34 30.20
N LEU B 299 20.48 12.17 30.76
CA LEU B 299 21.35 13.32 31.00
C LEU B 299 21.74 14.01 29.70
N LEU B 300 22.07 13.23 28.67
CA LEU B 300 22.53 13.83 27.43
C LEU B 300 21.38 14.42 26.62
N ALA B 301 20.17 13.86 26.73
CA ALA B 301 19.03 14.42 26.01
C ALA B 301 18.57 15.73 26.63
N ASP B 302 18.54 15.78 27.97
CA ASP B 302 18.19 17.02 28.63
C ASP B 302 19.24 18.09 28.38
N LYS B 303 20.49 17.67 28.16
CA LYS B 303 21.61 18.61 28.00
C LYS B 303 21.63 19.20 26.59
N LYS B 304 21.97 18.38 25.60
CA LYS B 304 22.19 18.86 24.25
C LYS B 304 20.97 18.71 23.35
N PHE B 305 19.82 18.34 23.91
CA PHE B 305 18.59 18.24 23.12
C PHE B 305 17.37 18.86 23.79
N ASN B 306 17.51 19.47 24.97
CA ASN B 306 16.40 20.14 25.65
C ASN B 306 15.17 19.25 25.74
N PHE B 307 15.38 17.94 25.77
CA PHE B 307 14.29 16.97 25.83
C PHE B 307 14.39 16.16 27.11
N THR B 308 13.25 15.79 27.66
CA THR B 308 13.17 14.99 28.87
C THR B 308 12.75 13.57 28.47
N VAL B 309 13.67 12.62 28.61
CA VAL B 309 13.39 11.23 28.25
C VAL B 309 12.82 10.51 29.47
N GLU B 310 11.57 10.11 29.39
CA GLU B 310 10.91 9.40 30.47
C GLU B 310 11.10 7.91 30.31
N ASP B 311 10.96 7.19 31.42
CA ASP B 311 11.10 5.74 31.41
C ASP B 311 9.95 5.09 30.65
N GLY B 312 10.28 4.02 29.94
CA GLY B 312 9.26 3.25 29.28
C GLY B 312 9.88 2.32 28.26
N LEU B 313 9.05 1.40 27.77
CA LEU B 313 9.49 0.46 26.76
C LEU B 313 9.96 1.15 25.48
N LYS B 314 9.50 2.37 25.21
CA LYS B 314 9.92 3.03 23.98
C LYS B 314 11.42 3.26 23.95
N ASN B 315 12.06 3.33 25.12
CA ASN B 315 13.49 3.60 25.16
C ASN B 315 14.33 2.47 24.59
N ILE B 316 13.75 1.31 24.31
CA ILE B 316 14.55 0.27 23.68
C ILE B 316 14.89 0.64 22.24
N ILE B 317 14.11 1.52 21.63
CA ILE B 317 14.34 1.92 20.24
C ILE B 317 15.64 2.71 20.19
N PRO B 318 15.81 3.80 20.95
CA PRO B 318 17.13 4.46 20.95
C PRO B 318 18.24 3.56 21.45
N ALA B 319 17.94 2.70 22.43
CA ALA B 319 18.95 1.73 22.85
C ALA B 319 19.39 0.87 21.66
N SER B 320 18.45 0.51 20.80
CA SER B 320 18.76 -0.37 19.68
C SER B 320 19.49 0.37 18.56
N PHE B 321 19.15 1.63 18.32
CA PHE B 321 19.96 2.42 17.41
C PHE B 321 21.40 2.49 17.92
N HIS B 322 21.55 2.78 19.22
CA HIS B 322 22.86 2.81 19.85
C HIS B 322 23.61 1.51 19.61
N ASP B 323 23.02 0.39 20.01
CA ASP B 323 23.64 -0.91 19.78
C ASP B 323 23.85 -1.18 18.29
N GLY B 324 22.83 -0.94 17.46
CA GLY B 324 22.99 -1.15 16.03
C GLY B 324 24.19 -0.40 15.47
N LEU B 325 24.38 0.83 15.92
CA LEU B 325 25.48 1.65 15.42
C LEU B 325 26.83 1.06 15.82
N LEU B 326 26.96 0.60 17.07
CA LEU B 326 28.19 -0.05 17.48
C LEU B 326 28.40 -1.34 16.69
N LEU B 327 27.34 -2.11 16.52
CA LEU B 327 27.41 -3.33 15.72
C LEU B 327 27.93 -3.06 14.32
N TYR B 328 27.51 -1.94 13.71
CA TYR B 328 28.05 -1.55 12.41
C TYR B 328 29.52 -1.18 12.50
N VAL B 329 29.89 -0.37 13.50
CA VAL B 329 31.27 0.13 13.56
C VAL B 329 32.24 -1.03 13.68
N GLN B 330 31.90 -2.02 14.51
CA GLN B 330 32.76 -3.21 14.57
C GLN B 330 32.84 -3.90 13.22
N ALA B 331 31.70 -4.04 12.54
CA ALA B 331 31.70 -4.69 11.23
C ALA B 331 32.61 -3.96 10.26
N VAL B 332 32.51 -2.62 10.24
CA VAL B 332 33.39 -1.83 9.37
C VAL B 332 34.85 -2.05 9.77
N THR B 333 35.13 -1.97 11.09
CA THR B 333 36.48 -2.25 11.55
C THR B 333 36.94 -3.62 11.10
N GLU B 334 36.07 -4.63 11.24
CA GLU B 334 36.42 -5.96 10.75
C GLU B 334 36.66 -5.96 9.25
N THR B 335 35.81 -5.28 8.48
CA THR B 335 35.99 -5.26 7.03
C THR B 335 37.30 -4.57 6.66
N LEU B 336 37.59 -3.44 7.30
CA LEU B 336 38.89 -2.81 7.10
C LEU B 336 40.02 -3.75 7.46
N ALA B 337 39.83 -4.54 8.52
CA ALA B 337 40.87 -5.44 9.00
C ALA B 337 41.24 -6.51 7.97
N GLN B 338 40.42 -6.70 6.95
CA GLN B 338 40.70 -7.69 5.92
C GLN B 338 40.78 -7.05 4.55
N GLY B 339 41.26 -5.81 4.48
CA GLY B 339 41.50 -5.15 3.22
C GLY B 339 40.27 -4.55 2.57
N GLY B 340 39.09 -4.73 3.15
CA GLY B 340 37.90 -4.09 2.64
C GLY B 340 37.93 -2.60 2.87
N THR B 341 36.88 -1.95 2.40
CA THR B 341 36.67 -0.53 2.58
C THR B 341 35.32 -0.30 3.24
N VAL B 342 35.08 0.94 3.67
CA VAL B 342 33.80 1.25 4.31
C VAL B 342 32.63 1.22 3.35
N THR B 343 32.90 1.09 2.04
CA THR B 343 31.84 1.05 1.04
C THR B 343 31.51 -0.36 0.57
N ASP B 344 32.14 -1.38 1.16
CA ASP B 344 31.78 -2.77 0.88
C ASP B 344 30.53 -3.09 1.67
N GLY B 345 29.40 -2.57 1.17
CA GLY B 345 28.14 -2.70 1.87
C GLY B 345 27.71 -4.14 2.08
N GLU B 346 28.01 -5.02 1.13
CA GLU B 346 27.62 -6.41 1.27
C GLU B 346 28.50 -7.11 2.31
N ASN B 347 29.82 -6.92 2.23
CA ASN B 347 30.72 -7.50 3.22
C ASN B 347 30.35 -7.03 4.62
N ILE B 348 30.14 -5.72 4.78
CA ILE B 348 29.78 -5.16 6.08
C ILE B 348 28.46 -5.73 6.57
N THR B 349 27.45 -5.78 5.69
CA THR B 349 26.15 -6.30 6.08
C THR B 349 26.23 -7.75 6.53
N GLN B 350 26.93 -8.60 5.77
CA GLN B 350 27.05 -10.01 6.11
C GLN B 350 27.84 -10.22 7.39
N ARG B 351 28.75 -9.31 7.71
CA ARG B 351 29.43 -9.40 9.00
C ARG B 351 28.47 -9.13 10.14
N MET B 352 27.44 -8.32 9.89
CA MET B 352 26.44 -8.03 10.91
C MET B 352 25.39 -9.10 11.01
N TRP B 353 25.12 -9.80 9.91
CA TRP B 353 24.02 -10.75 9.88
C TRP B 353 24.45 -12.10 10.41
N ASN B 354 23.49 -12.80 11.02
CA ASN B 354 23.70 -14.10 11.64
C ASN B 354 24.78 -14.03 12.71
N ARG B 355 24.62 -13.08 13.62
CA ARG B 355 25.67 -12.71 14.55
C ARG B 355 25.03 -12.33 15.88
N SER B 356 25.66 -12.74 16.98
CA SER B 356 25.28 -12.33 18.32
C SER B 356 26.17 -11.18 18.76
N PHE B 357 25.61 -10.31 19.61
CA PHE B 357 26.32 -9.10 19.99
C PHE B 357 25.90 -8.75 21.42
N GLN B 358 26.76 -8.00 22.09
CA GLN B 358 26.49 -7.53 23.45
C GLN B 358 26.39 -6.01 23.42
N GLY B 359 25.18 -5.51 23.66
CA GLY B 359 24.95 -4.08 23.73
C GLY B 359 24.25 -3.69 25.02
N VAL B 360 23.95 -2.39 25.13
CA VAL B 360 23.24 -1.89 26.32
C VAL B 360 21.93 -2.65 26.54
N THR B 361 21.31 -3.12 25.45
CA THR B 361 20.15 -3.99 25.58
C THR B 361 20.53 -5.43 25.89
N GLY B 362 21.77 -5.67 26.30
CA GLY B 362 22.19 -7.01 26.63
C GLY B 362 22.53 -7.83 25.39
N TYR B 363 22.22 -9.12 25.47
CA TYR B 363 22.39 -10.01 24.34
C TYR B 363 21.40 -9.63 23.26
N LEU B 364 21.90 -9.38 22.06
CA LEU B 364 21.05 -9.23 20.90
C LEU B 364 21.62 -10.06 19.76
N LYS B 365 20.73 -10.70 19.01
CA LYS B 365 21.07 -11.60 17.93
C LYS B 365 20.44 -11.10 16.63
N ILE B 366 21.26 -10.84 15.63
CA ILE B 366 20.76 -10.54 14.29
C ILE B 366 20.56 -11.88 13.55
N ASP B 367 19.37 -12.11 13.01
CA ASP B 367 19.15 -13.43 12.42
C ASP B 367 19.82 -13.51 11.06
N ARG B 368 19.66 -14.64 10.39
CA ARG B 368 20.16 -14.80 9.02
C ARG B 368 19.54 -13.79 8.06
N ASN B 369 18.43 -13.16 8.44
CA ASN B 369 17.72 -12.26 7.55
C ASN B 369 18.09 -10.79 7.77
N GLY B 370 18.95 -10.49 8.73
CA GLY B 370 19.27 -9.12 9.05
C GLY B 370 18.36 -8.47 10.06
N ASP B 371 17.53 -9.26 10.75
CA ASP B 371 16.57 -8.75 11.72
C ASP B 371 16.93 -9.20 13.13
N ARG B 372 16.88 -8.27 14.07
CA ARG B 372 17.10 -8.61 15.46
C ARG B 372 15.99 -9.53 15.97
N ASP B 373 16.38 -10.68 16.53
CA ASP B 373 15.40 -11.46 17.28
C ASP B 373 14.82 -10.60 18.39
N THR B 374 13.52 -10.74 18.65
CA THR B 374 12.83 -9.86 19.58
C THR B 374 12.22 -10.64 20.72
N ASP B 375 12.53 -10.24 21.96
CA ASP B 375 12.00 -10.88 23.15
C ASP B 375 10.70 -10.21 23.58
N PHE B 376 9.77 -11.02 24.08
CA PHE B 376 8.47 -10.53 24.48
C PHE B 376 8.17 -10.96 25.92
N SER B 377 7.45 -10.10 26.63
CA SER B 377 6.94 -10.42 27.96
C SER B 377 5.43 -10.57 27.88
N LEU B 378 4.90 -11.40 28.77
CA LEU B 378 3.46 -11.59 28.89
C LEU B 378 3.05 -11.13 30.28
N TRP B 379 2.14 -10.17 30.33
CA TRP B 379 1.64 -9.66 31.60
C TRP B 379 0.32 -10.32 31.96
N ASP B 380 0.12 -10.50 33.26
CA ASP B 380 -1.09 -11.10 33.79
C ASP B 380 -1.38 -10.47 35.15
N MET B 381 -2.66 -10.43 35.52
CA MET B 381 -3.04 -9.81 36.78
C MET B 381 -3.04 -10.83 37.91
N ASP B 382 -2.63 -10.35 39.07
CA ASP B 382 -2.74 -11.13 40.29
C ASP B 382 -4.18 -11.09 40.76
N PRO B 383 -4.89 -12.21 40.79
CA PRO B 383 -6.30 -12.17 41.23
C PRO B 383 -6.48 -11.63 42.63
N GLU B 384 -5.44 -11.63 43.47
CA GLU B 384 -5.55 -11.07 44.81
C GLU B 384 -5.55 -9.55 44.77
N THR B 385 -4.46 -8.95 44.29
CA THR B 385 -4.32 -7.50 44.26
C THR B 385 -4.95 -6.87 43.03
N GLY B 386 -5.04 -7.61 41.93
CA GLY B 386 -5.52 -7.08 40.67
C GLY B 386 -4.47 -6.44 39.79
N ALA B 387 -3.27 -6.19 40.33
CA ALA B 387 -2.21 -5.58 39.55
C ALA B 387 -1.63 -6.58 38.55
N PHE B 388 -1.14 -6.06 37.43
CA PHE B 388 -0.56 -6.89 36.38
C PHE B 388 0.94 -6.99 36.56
N ARG B 389 1.48 -8.18 36.28
CA ARG B 389 2.92 -8.39 36.35
C ARG B 389 3.33 -9.42 35.31
N VAL B 390 4.59 -9.34 34.89
CA VAL B 390 5.11 -10.30 33.93
C VAL B 390 5.05 -11.69 34.54
N VAL B 391 4.44 -12.62 33.81
CA VAL B 391 4.40 -14.01 34.23
C VAL B 391 5.11 -14.94 33.27
N LEU B 392 5.43 -14.48 32.04
CA LEU B 392 6.01 -15.30 31.00
C LEU B 392 6.94 -14.45 30.15
N ASN B 393 8.06 -15.03 29.77
CA ASN B 393 9.04 -14.33 28.95
C ASN B 393 9.47 -15.21 27.79
N TYR B 394 9.66 -14.57 26.64
CA TYR B 394 9.96 -15.26 25.40
C TYR B 394 11.31 -14.79 24.87
N ASN B 395 12.25 -15.72 24.75
CA ASN B 395 13.56 -15.44 24.18
C ASN B 395 13.46 -15.64 22.67
N GLY B 396 13.57 -14.54 21.92
CA GLY B 396 13.35 -14.60 20.50
C GLY B 396 14.38 -15.44 19.76
N THR B 397 15.59 -15.55 20.31
CA THR B 397 16.62 -16.31 19.62
C THR B 397 16.46 -17.81 19.83
N SER B 398 16.06 -18.21 21.04
CA SER B 398 15.83 -19.61 21.38
C SER B 398 14.37 -20.02 21.33
N GLN B 399 13.45 -19.06 21.17
CA GLN B 399 12.03 -19.33 21.00
C GLN B 399 11.47 -20.15 22.17
N GLU B 400 11.96 -19.88 23.37
CA GLU B 400 11.52 -20.57 24.57
C GLU B 400 10.70 -19.64 25.45
N LEU B 401 9.69 -20.21 26.10
CA LEU B 401 8.85 -19.51 27.05
C LEU B 401 9.26 -19.92 28.46
N MET B 402 9.70 -18.94 29.25
CA MET B 402 10.19 -19.18 30.59
C MET B 402 9.30 -18.49 31.60
N ALA B 403 8.83 -19.24 32.60
CA ALA B 403 8.03 -18.62 33.65
C ALA B 403 8.88 -17.64 34.44
N VAL B 404 8.22 -16.58 34.93
CA VAL B 404 8.91 -15.42 35.49
C VAL B 404 8.56 -15.31 36.96
N SER B 405 9.58 -15.35 37.82
CA SER B 405 9.43 -15.16 39.26
C SER B 405 8.46 -16.19 39.86
N GLU B 406 8.49 -17.41 39.30
CA GLU B 406 7.65 -18.52 39.76
C GLU B 406 6.16 -18.19 39.67
N HIS B 407 5.79 -17.26 38.79
CA HIS B 407 4.38 -16.93 38.62
C HIS B 407 3.71 -17.93 37.71
N LYS B 408 2.39 -18.01 37.82
CA LYS B 408 1.60 -18.87 36.97
C LYS B 408 0.64 -18.02 36.14
N LEU B 409 0.20 -18.58 35.01
CA LEU B 409 -0.73 -17.87 34.15
C LEU B 409 -2.14 -18.00 34.72
N TYR B 410 -2.74 -16.88 35.09
CA TYR B 410 -4.05 -16.90 35.73
C TYR B 410 -5.13 -17.37 34.76
N TRP B 411 -5.96 -18.32 35.21
CA TRP B 411 -7.09 -18.87 34.47
C TRP B 411 -8.25 -19.03 35.46
N PRO B 412 -9.44 -18.53 35.14
CA PRO B 412 -10.58 -18.77 36.03
C PRO B 412 -10.96 -20.23 36.15
N LEU B 413 -10.61 -21.06 35.16
CA LEU B 413 -10.95 -22.47 35.13
C LEU B 413 -9.79 -23.38 35.50
N GLY B 414 -8.69 -22.81 36.00
CA GLY B 414 -7.51 -23.57 36.31
C GLY B 414 -6.61 -23.86 35.12
N TYR B 415 -7.16 -23.90 33.92
CA TYR B 415 -6.40 -24.12 32.70
C TYR B 415 -7.00 -23.27 31.59
N PRO B 416 -6.21 -22.96 30.56
CA PRO B 416 -6.69 -22.07 29.49
C PRO B 416 -7.92 -22.64 28.80
N PRO B 417 -8.84 -21.77 28.38
CA PRO B 417 -10.01 -22.26 27.65
C PRO B 417 -9.66 -22.66 26.25
N PRO B 418 -10.42 -23.57 25.64
CA PRO B 418 -10.08 -24.05 24.30
C PRO B 418 -10.38 -23.00 23.24
N ASP B 419 -9.51 -22.93 22.24
CA ASP B 419 -9.69 -21.99 21.15
C ASP B 419 -10.89 -22.31 20.27
N VAL B 420 -11.60 -23.39 20.56
CA VAL B 420 -12.87 -23.70 19.91
C VAL B 420 -13.89 -24.03 20.99
N PRO B 421 -15.13 -23.54 20.89
CA PRO B 421 -16.13 -23.85 21.92
C PRO B 421 -16.66 -25.27 21.86
N LYS B 422 -17.66 -25.57 22.70
CA LYS B 422 -18.22 -26.91 22.89
C LYS B 422 -18.66 -27.54 21.59
N CYS B 423 -19.88 -27.24 21.17
CA CYS B 423 -20.46 -27.85 19.97
C CYS B 423 -20.44 -26.85 18.82
N GLY B 424 -19.22 -26.42 18.49
CA GLY B 424 -19.05 -25.39 17.48
C GLY B 424 -19.32 -23.99 18.01
N PHE B 425 -19.09 -23.00 17.15
CA PHE B 425 -19.36 -21.60 17.51
C PHE B 425 -20.85 -21.27 17.54
N ASP B 426 -21.69 -22.03 16.83
CA ASP B 426 -23.13 -21.82 16.86
C ASP B 426 -23.70 -22.12 18.26
N CYS C 1 -5.28 -9.62 1.94
CA CYS C 1 -5.32 -8.33 2.63
C CYS C 1 -3.92 -7.86 2.93
N PHE C 2 -3.05 -8.81 3.24
CA PHE C 2 -1.74 -8.52 3.79
C PHE C 2 -0.64 -8.92 2.83
N GLY C 3 0.48 -8.19 2.88
CA GLY C 3 1.60 -8.45 2.02
C GLY C 3 1.71 -7.57 0.80
N GLY C 4 0.73 -6.71 0.55
CA GLY C 4 0.73 -5.89 -0.65
C GLY C 4 1.42 -4.53 -0.52
N ARG C 5 2.74 -4.49 -0.76
CA ARG C 5 3.56 -3.28 -0.80
C ARG C 5 3.47 -2.42 0.45
C ARG C 5 3.47 -2.42 0.45
N MET C 6 4.18 -1.30 0.43
N MET C 6 4.18 -1.30 0.43
CA MET C 6 4.14 -0.31 1.49
CA MET C 6 4.14 -0.31 1.49
C MET C 6 4.07 1.08 0.86
C MET C 6 4.07 1.08 0.86
N ASP C 7 2.95 1.35 0.19
N ASP C 7 2.96 1.34 0.20
CA ASP C 7 2.62 2.67 -0.29
CA ASP C 7 2.62 2.67 -0.29
C ASP C 7 1.19 2.96 0.13
C ASP C 7 1.19 2.96 0.13
N ARG C 8 0.95 4.18 0.63
N ARG C 8 0.95 4.18 0.63
CA ARG C 8 -0.40 4.55 1.03
CA ARG C 8 -0.40 4.54 1.02
C ARG C 8 -1.38 4.45 -0.13
C ARG C 8 -1.38 4.45 -0.13
N ILE C 9 -0.90 4.41 -1.38
N ILE C 9 -0.90 4.41 -1.38
CA ILE C 9 -1.78 4.25 -2.53
C ILE C 9 -2.52 2.91 -2.47
N GLY C 10 -1.93 1.92 -1.83
CA GLY C 10 -2.55 0.61 -1.69
C GLY C 10 -3.35 0.43 -0.43
N ALA C 11 -3.62 1.51 0.30
CA ALA C 11 -4.40 1.47 1.53
C ALA C 11 -5.48 2.53 1.51
N GLN C 12 -6.22 2.60 0.40
CA GLN C 12 -7.30 3.54 0.26
C GLN C 12 -8.68 2.93 0.42
N SER C 13 -8.78 1.61 0.51
CA SER C 13 -10.08 0.98 0.66
C SER C 13 -9.99 -0.38 1.34
N GLY C 14 -8.80 -0.87 1.68
CA GLY C 14 -8.67 -2.26 1.97
C GLY C 14 -8.97 -3.06 0.70
N LEU C 15 -10.17 -3.64 0.69
CA LEU C 15 -10.79 -4.30 -0.45
C LEU C 15 -10.36 -5.78 -0.45
N GLY C 16 -9.24 -6.11 0.18
CA GLY C 16 -8.92 -7.51 0.40
C GLY C 16 -9.27 -7.87 1.82
N CYS C 17 -9.39 -6.84 2.65
CA CYS C 17 -9.46 -6.97 4.08
C CYS C 17 -10.90 -7.05 4.55
N ASN C 18 -11.04 -7.35 5.84
CA ASN C 18 -12.30 -7.34 6.57
C ASN C 18 -12.30 -6.10 7.46
N SER C 19 -12.92 -5.03 6.96
CA SER C 19 -12.95 -3.76 7.66
C SER C 19 -14.38 -3.26 7.77
N PHE C 20 -14.64 -2.53 8.85
CA PHE C 20 -15.91 -1.83 9.00
C PHE C 20 -15.87 -0.41 8.46
N ARG C 21 -14.67 0.15 8.28
CA ARG C 21 -14.53 1.47 7.68
C ARG C 21 -14.55 1.33 6.15
N TYR C 22 -14.27 2.44 5.47
CA TYR C 22 -14.25 2.48 4.01
C TYR C 22 -15.61 2.18 3.38
#